data_5W7H
#
_entry.id   5W7H
#
_cell.length_a   48.391
_cell.length_b   110.076
_cell.length_c   112.277
_cell.angle_alpha   90.00
_cell.angle_beta   90.00
_cell.angle_gamma   90.00
#
_symmetry.space_group_name_H-M   'P 21 21 21'
#
loop_
_entity.id
_entity.type
_entity.pdbx_description
1 polymer Phosphotriesterase
2 non-polymer 'ZINC ION'
3 water water
#
_entity_poly.entity_id   1
_entity_poly.type   'polypeptide(L)'
_entity_poly.pdbx_seq_one_letter_code
;MSMARPIGTGDLINTVRGPIPVSEAGFTLTHEHICGSSAGFLRAWPEFFGSRKALVEKAVRGLRHARAAGVQTIVDVSTF
DIGRDVRLLAEVSRAADVHIVAATGLWFDPPLSMRMRSVEELTRFFLREIRHGIEDTGIRAGII(KCX)VATTGKATPFQ
ELVLRAAARASLATGVPVTTHTSGSQRDGEQQAAIFESEGLSPSRVCIGHSDDTDDLRYLTGLAARGYLVGLDRMPYSAI
GLRGNASALALFGTRSWQTRALLIKALIDRGYKDRILVSHDWLFGFSSYVTNIMRVMDRINPDGMAFVPLRVIPFLREKG
VPPETLAGVTVANPARFLSPTVRAS
;
_entity_poly.pdbx_strand_id   A,B
#
loop_
_chem_comp.id
_chem_comp.type
_chem_comp.name
_chem_comp.formula
ZN non-polymer 'ZINC ION' 'Zn 2'
#
# COMPACT_ATOMS: atom_id res chain seq x y z
N GLY A 10 2.51 38.55 -5.37
CA GLY A 10 2.24 37.76 -4.17
C GLY A 10 2.67 36.32 -4.30
N ASP A 11 2.80 35.64 -3.17
CA ASP A 11 3.21 34.24 -3.16
C ASP A 11 2.25 33.36 -3.96
N LEU A 12 2.73 32.19 -4.36
CA LEU A 12 1.93 31.23 -5.10
C LEU A 12 1.78 29.95 -4.28
N ILE A 13 0.72 29.21 -4.59
CA ILE A 13 0.41 27.97 -3.89
C ILE A 13 0.11 26.89 -4.92
N ASN A 14 0.76 25.75 -4.79
CA ASN A 14 0.57 24.66 -5.73
C ASN A 14 -0.81 24.03 -5.57
N THR A 15 -1.49 23.82 -6.68
CA THR A 15 -2.75 23.07 -6.72
C THR A 15 -2.60 21.90 -7.69
N VAL A 16 -3.66 21.10 -7.80
CA VAL A 16 -3.67 20.01 -8.77
C VAL A 16 -3.93 20.50 -10.19
N ARG A 17 -4.07 21.81 -10.39
CA ARG A 17 -4.15 22.41 -11.71
C ARG A 17 -3.04 23.42 -11.94
N GLY A 18 -1.98 23.38 -11.14
CA GLY A 18 -0.89 24.32 -11.25
C GLY A 18 -0.90 25.32 -10.12
N PRO A 19 0.07 26.23 -10.12
CA PRO A 19 0.15 27.22 -9.03
C PRO A 19 -0.89 28.32 -9.19
N ILE A 20 -1.40 28.79 -8.07
CA ILE A 20 -2.37 29.89 -8.04
C ILE A 20 -1.87 30.97 -7.09
N PRO A 21 -2.17 32.24 -7.34
CA PRO A 21 -1.85 33.28 -6.33
C PRO A 21 -2.55 32.99 -5.02
N VAL A 22 -1.98 33.54 -3.95
CA VAL A 22 -2.55 33.34 -2.62
C VAL A 22 -3.93 33.99 -2.50
N SER A 23 -4.14 35.11 -3.19
CA SER A 23 -5.40 35.84 -3.08
C SER A 23 -6.58 35.05 -3.60
N GLU A 24 -6.35 34.08 -4.48
CA GLU A 24 -7.44 33.34 -5.11
C GLU A 24 -7.88 32.13 -4.32
N ALA A 25 -7.16 31.75 -3.27
CA ALA A 25 -7.59 30.64 -2.43
C ALA A 25 -8.93 30.94 -1.77
N GLY A 26 -9.03 32.07 -1.07
CA GLY A 26 -10.30 32.46 -0.48
C GLY A 26 -10.73 31.50 0.61
N PHE A 27 -12.04 31.22 0.65
CA PHE A 27 -12.61 30.26 1.58
C PHE A 27 -11.96 28.89 1.36
N THR A 28 -11.20 28.42 2.34
CA THR A 28 -10.40 27.21 2.18
C THR A 28 -10.63 26.26 3.35
N LEU A 29 -10.87 24.99 3.03
CA LEU A 29 -10.91 23.92 4.02
C LEU A 29 -9.54 23.24 4.07
N THR A 30 -8.98 23.12 5.26
CA THR A 30 -7.59 22.72 5.41
C THR A 30 -7.39 21.22 5.54
N HIS A 31 -8.39 20.49 6.03
CA HIS A 31 -8.27 19.04 6.23
C HIS A 31 -9.48 18.35 5.60
N GLU A 32 -9.33 17.89 4.36
CA GLU A 32 -10.38 17.17 3.67
C GLU A 32 -9.75 16.00 2.92
N HIS A 33 -10.59 15.07 2.49
CA HIS A 33 -10.17 13.95 1.65
C HIS A 33 -11.12 13.83 0.47
N ILE A 34 -10.58 13.53 -0.71
CA ILE A 34 -11.42 13.09 -1.81
C ILE A 34 -11.78 11.62 -1.65
N CYS A 35 -10.79 10.79 -1.30
CA CYS A 35 -11.01 9.37 -1.10
C CYS A 35 -10.04 8.89 -0.03
N GLY A 36 -10.59 8.34 1.06
CA GLY A 36 -9.77 7.78 2.11
C GLY A 36 -9.57 6.28 1.92
N SER A 37 -8.53 5.90 1.17
CA SER A 37 -8.33 4.50 0.81
C SER A 37 -6.94 4.01 1.17
N SER A 38 -6.27 3.34 0.24
CA SER A 38 -4.93 2.82 0.46
C SER A 38 -4.15 2.88 -0.83
N ALA A 39 -2.82 2.85 -0.69
CA ALA A 39 -1.93 3.00 -1.84
C ALA A 39 -2.22 1.93 -2.89
N GLY A 40 -2.52 2.36 -4.10
CA GLY A 40 -2.83 1.46 -5.20
C GLY A 40 -4.17 0.78 -5.13
N PHE A 41 -4.94 0.98 -4.06
CA PHE A 41 -6.21 0.29 -3.91
C PHE A 41 -7.24 0.80 -4.91
N LEU A 42 -7.26 2.11 -5.16
CA LEU A 42 -8.27 2.68 -6.05
C LEU A 42 -8.10 2.17 -7.48
N ARG A 43 -6.87 2.03 -7.94
CA ARG A 43 -6.64 1.51 -9.29
C ARG A 43 -7.01 0.04 -9.39
N ALA A 44 -6.64 -0.75 -8.39
CA ALA A 44 -6.76 -2.20 -8.49
C ALA A 44 -8.16 -2.70 -8.20
N TRP A 45 -8.96 -1.97 -7.43
CA TRP A 45 -10.30 -2.38 -7.05
C TRP A 45 -11.23 -1.17 -7.02
N PRO A 46 -11.51 -0.57 -8.17
CA PRO A 46 -12.44 0.56 -8.20
C PRO A 46 -13.89 0.15 -7.99
N GLU A 47 -14.20 -1.14 -8.14
CA GLU A 47 -15.57 -1.61 -7.89
C GLU A 47 -15.93 -1.59 -6.41
N PHE A 48 -14.94 -1.42 -5.52
CA PHE A 48 -15.24 -1.32 -4.09
C PHE A 48 -16.17 -0.13 -3.82
N PHE A 49 -15.98 0.96 -4.54
CA PHE A 49 -16.87 2.11 -4.45
C PHE A 49 -18.06 2.01 -5.38
N GLY A 50 -18.10 1.00 -6.24
CA GLY A 50 -19.10 0.90 -7.28
C GLY A 50 -18.42 0.96 -8.64
N SER A 51 -17.77 2.08 -8.93
CA SER A 51 -17.00 2.30 -10.14
C SER A 51 -16.26 3.62 -10.01
N ARG A 52 -15.13 3.73 -10.70
CA ARG A 52 -14.37 4.98 -10.66
C ARG A 52 -15.18 6.13 -11.25
N LYS A 53 -16.04 5.84 -12.23
CA LYS A 53 -16.90 6.89 -12.78
C LYS A 53 -17.89 7.39 -11.74
N ALA A 54 -18.47 6.49 -10.95
CA ALA A 54 -19.45 6.90 -9.95
C ALA A 54 -18.81 7.66 -8.81
N LEU A 55 -17.54 7.40 -8.51
CA LEU A 55 -16.87 8.14 -7.45
C LEU A 55 -16.50 9.55 -7.91
N VAL A 56 -16.17 9.72 -9.19
CA VAL A 56 -15.93 11.07 -9.71
C VAL A 56 -17.23 11.86 -9.71
N GLU A 57 -18.34 11.23 -10.10
CA GLU A 57 -19.64 11.89 -10.07
C GLU A 57 -19.96 12.43 -8.69
N LYS A 58 -19.84 11.58 -7.67
CA LYS A 58 -20.20 11.98 -6.31
C LYS A 58 -19.29 13.09 -5.81
N ALA A 59 -17.98 12.99 -6.07
CA ALA A 59 -17.06 14.00 -5.59
C ALA A 59 -17.30 15.34 -6.29
N VAL A 60 -17.50 15.33 -7.61
CA VAL A 60 -17.77 16.56 -8.33
C VAL A 60 -19.08 17.18 -7.87
N ARG A 61 -20.11 16.35 -7.73
CA ARG A 61 -21.40 16.86 -7.26
C ARG A 61 -21.31 17.35 -5.82
N GLY A 62 -20.49 16.71 -5.00
CA GLY A 62 -20.34 17.17 -3.62
C GLY A 62 -19.57 18.46 -3.50
N LEU A 63 -18.67 18.73 -4.45
CA LEU A 63 -17.87 19.96 -4.39
C LEU A 63 -18.64 21.15 -4.95
N ARG A 64 -19.40 20.96 -6.03
CA ARG A 64 -20.23 22.05 -6.53
C ARG A 64 -21.27 22.48 -5.50
N HIS A 65 -21.73 21.55 -4.67
CA HIS A 65 -22.59 21.92 -3.56
C HIS A 65 -21.84 22.75 -2.52
N ALA A 66 -20.59 22.37 -2.24
CA ALA A 66 -19.77 23.15 -1.33
C ALA A 66 -19.35 24.48 -1.94
N ARG A 67 -19.11 24.50 -3.25
CA ARG A 67 -18.74 25.75 -3.91
C ARG A 67 -19.91 26.71 -3.95
N ALA A 68 -21.14 26.20 -4.15
CA ALA A 68 -22.32 27.05 -4.12
C ALA A 68 -22.47 27.74 -2.77
N ALA A 69 -22.12 27.03 -1.69
CA ALA A 69 -22.18 27.60 -0.35
C ALA A 69 -21.06 28.59 -0.08
N GLY A 70 -20.08 28.72 -0.97
CA GLY A 70 -19.01 29.68 -0.84
C GLY A 70 -17.61 29.11 -0.72
N VAL A 71 -17.43 27.80 -0.74
CA VAL A 71 -16.11 27.21 -0.62
C VAL A 71 -15.39 27.29 -1.96
N GLN A 72 -14.11 27.66 -1.93
CA GLN A 72 -13.33 27.83 -3.15
C GLN A 72 -12.11 26.93 -3.23
N THR A 73 -11.61 26.43 -2.11
CA THR A 73 -10.42 25.58 -2.10
C THR A 73 -10.51 24.59 -0.94
N ILE A 74 -10.16 23.33 -1.22
CA ILE A 74 -10.01 22.32 -0.18
C ILE A 74 -8.58 21.79 -0.24
N VAL A 75 -8.07 21.43 0.93
CA VAL A 75 -6.72 20.89 1.05
C VAL A 75 -6.87 19.39 1.28
N ASP A 76 -6.80 18.63 0.20
CA ASP A 76 -6.86 17.17 0.29
C ASP A 76 -5.57 16.66 0.95
N VAL A 77 -5.68 16.17 2.17
CA VAL A 77 -4.52 15.76 2.94
C VAL A 77 -4.32 14.25 2.83
N SER A 78 -4.89 13.65 1.79
CA SER A 78 -4.65 12.23 1.54
C SER A 78 -3.22 12.04 1.08
N THR A 79 -2.50 11.16 1.76
CA THR A 79 -1.08 10.93 1.50
C THR A 79 -0.90 9.66 0.68
N PHE A 80 0.36 9.22 0.55
CA PHE A 80 0.66 8.03 -0.23
C PHE A 80 -0.07 6.80 0.30
N ASP A 81 -0.04 6.64 1.63
CA ASP A 81 -0.63 5.45 2.25
C ASP A 81 -2.13 5.58 2.50
N ILE A 82 -2.71 6.75 2.26
CA ILE A 82 -4.17 6.88 2.20
C ILE A 82 -4.68 6.68 0.78
N GLY A 83 -3.81 6.33 -0.17
CA GLY A 83 -4.31 6.12 -1.52
C GLY A 83 -4.51 7.37 -2.33
N ARG A 84 -3.64 8.36 -2.18
CA ARG A 84 -3.76 9.61 -2.92
C ARG A 84 -3.52 9.36 -4.40
N ASP A 85 -4.58 9.45 -5.19
CA ASP A 85 -4.49 9.42 -6.65
C ASP A 85 -4.70 10.86 -7.12
N VAL A 86 -3.61 11.51 -7.50
CA VAL A 86 -3.66 12.94 -7.82
C VAL A 86 -4.41 13.19 -9.12
N ARG A 87 -4.46 12.21 -10.03
CA ARG A 87 -5.23 12.39 -11.25
C ARG A 87 -6.73 12.49 -10.95
N LEU A 88 -7.19 11.74 -9.95
CA LEU A 88 -8.57 11.88 -9.48
C LEU A 88 -8.79 13.26 -8.87
N LEU A 89 -7.82 13.75 -8.09
CA LEU A 89 -7.93 15.09 -7.53
C LEU A 89 -7.93 16.15 -8.62
N ALA A 90 -7.26 15.90 -9.73
CA ALA A 90 -7.23 16.86 -10.83
C ALA A 90 -8.51 16.82 -11.65
N GLU A 91 -9.09 15.63 -11.84
CA GLU A 91 -10.29 15.52 -12.65
C GLU A 91 -11.48 16.19 -11.96
N VAL A 92 -11.63 16.00 -10.66
CA VAL A 92 -12.73 16.63 -9.93
C VAL A 92 -12.46 18.09 -9.64
N SER A 93 -11.20 18.53 -9.71
CA SER A 93 -10.91 19.95 -9.55
C SER A 93 -11.33 20.74 -10.78
N ARG A 94 -11.38 20.11 -11.95
CA ARG A 94 -11.73 20.82 -13.17
C ARG A 94 -13.24 20.82 -13.39
N ALA A 95 -13.87 19.64 -13.32
CA ALA A 95 -15.31 19.54 -13.53
C ALA A 95 -16.13 20.26 -12.47
N ALA A 96 -15.51 20.63 -11.33
CA ALA A 96 -16.20 21.36 -10.29
C ALA A 96 -15.66 22.78 -10.09
N ASP A 97 -14.52 23.10 -10.68
CA ASP A 97 -13.89 24.41 -10.56
C ASP A 97 -13.70 24.80 -9.09
N VAL A 98 -12.92 23.97 -8.39
CA VAL A 98 -12.56 24.21 -7.00
C VAL A 98 -11.10 23.82 -6.84
N HIS A 99 -10.28 24.77 -6.37
CA HIS A 99 -8.86 24.49 -6.17
C HIS A 99 -8.68 23.38 -5.14
N ILE A 100 -7.84 22.40 -5.47
CA ILE A 100 -7.49 21.32 -4.56
C ILE A 100 -5.97 21.33 -4.38
N VAL A 101 -5.53 21.25 -3.13
CA VAL A 101 -4.12 21.24 -2.79
C VAL A 101 -3.77 19.84 -2.29
N ALA A 102 -2.99 19.10 -3.08
CA ALA A 102 -2.57 17.77 -2.67
C ALA A 102 -1.52 17.85 -1.56
N ALA A 103 -1.27 16.71 -0.93
CA ALA A 103 -0.38 16.65 0.22
C ALA A 103 0.71 15.62 0.00
N THR A 104 1.72 15.69 0.86
CA THR A 104 2.75 14.65 0.95
C THR A 104 2.84 14.19 2.40
N GLY A 105 3.80 13.32 2.71
CA GLY A 105 3.93 12.80 4.04
C GLY A 105 3.40 11.38 4.16
N LEU A 106 3.19 10.96 5.40
CA LEU A 106 2.76 9.59 5.69
C LEU A 106 1.75 9.59 6.84
N TRP A 107 0.62 8.92 6.60
CA TRP A 107 -0.42 8.69 7.60
C TRP A 107 0.06 7.68 8.63
N PHE A 108 -0.81 6.78 9.09
CA PHE A 108 -0.38 5.71 9.98
C PHE A 108 -0.68 4.32 9.39
N ASP A 109 -0.69 4.20 8.06
CA ASP A 109 -0.75 2.90 7.40
C ASP A 109 0.36 2.76 6.37
N PRO A 110 1.61 3.01 6.75
CA PRO A 110 2.69 3.02 5.76
C PRO A 110 3.10 1.60 5.38
N PRO A 111 3.15 1.28 4.09
CA PRO A 111 3.68 -0.02 3.69
C PRO A 111 5.15 -0.13 4.06
N LEU A 112 5.61 -1.36 4.24
CA LEU A 112 6.95 -1.57 4.79
C LEU A 112 8.07 -1.10 3.86
N SER A 113 7.76 -0.81 2.59
CA SER A 113 8.74 -0.10 1.76
C SER A 113 9.00 1.31 2.27
N MET A 114 8.13 1.83 3.13
CA MET A 114 8.33 3.09 3.84
C MET A 114 8.82 2.88 5.27
N ARG A 115 8.28 1.88 5.97
CA ARG A 115 8.65 1.64 7.36
C ARG A 115 10.13 1.29 7.50
N MET A 116 10.74 0.71 6.46
CA MET A 116 12.15 0.37 6.49
C MET A 116 13.05 1.55 6.14
N ARG A 117 12.48 2.71 5.81
CA ARG A 117 13.28 3.85 5.39
C ARG A 117 13.77 4.65 6.59
N SER A 118 14.95 5.24 6.43
CA SER A 118 15.51 6.11 7.46
C SER A 118 14.89 7.50 7.34
N VAL A 119 15.28 8.39 8.26
CA VAL A 119 14.76 9.76 8.22
C VAL A 119 15.33 10.52 7.03
N GLU A 120 16.59 10.25 6.66
CA GLU A 120 17.16 10.91 5.50
C GLU A 120 16.44 10.49 4.22
N GLU A 121 16.09 9.21 4.11
CA GLU A 121 15.39 8.73 2.93
C GLU A 121 13.97 9.27 2.87
N LEU A 122 13.28 9.36 4.02
CA LEU A 122 11.95 9.96 4.04
C LEU A 122 12.00 11.43 3.67
N THR A 123 13.09 12.12 4.03
CA THR A 123 13.22 13.53 3.65
C THR A 123 13.30 13.69 2.15
N ARG A 124 14.05 12.83 1.47
CA ARG A 124 14.21 12.93 0.03
C ARG A 124 12.91 12.62 -0.71
N PHE A 125 12.06 11.77 -0.13
CA PHE A 125 10.79 11.44 -0.76
C PHE A 125 9.77 12.56 -0.57
N PHE A 126 9.75 13.17 0.62
CA PHE A 126 8.88 14.33 0.83
C PHE A 126 9.30 15.49 -0.06
N LEU A 127 10.61 15.75 -0.12
CA LEU A 127 11.12 16.82 -0.98
C LEU A 127 10.78 16.57 -2.44
N ARG A 128 10.83 15.31 -2.88
CA ARG A 128 10.53 14.98 -4.26
C ARG A 128 9.09 15.36 -4.61
N GLU A 129 8.14 14.99 -3.74
CA GLU A 129 6.74 15.27 -4.04
C GLU A 129 6.42 16.76 -3.95
N ILE A 130 7.19 17.52 -3.17
CA ILE A 130 6.95 18.94 -3.02
C ILE A 130 7.64 19.74 -4.13
N ARG A 131 8.87 19.36 -4.48
CA ARG A 131 9.68 20.12 -5.43
C ARG A 131 9.65 19.57 -6.84
N HIS A 132 9.67 18.24 -7.00
CA HIS A 132 9.67 17.63 -8.32
C HIS A 132 8.26 17.36 -8.82
N GLY A 133 7.46 16.66 -8.04
CA GLY A 133 6.08 16.34 -8.41
C GLY A 133 5.69 14.96 -7.90
N ILE A 134 4.38 14.74 -7.85
CA ILE A 134 3.84 13.47 -7.37
C ILE A 134 3.85 12.47 -8.52
N GLU A 135 4.45 11.30 -8.28
CA GLU A 135 4.50 10.21 -9.26
C GLU A 135 5.16 10.67 -10.55
N ASP A 136 4.38 10.80 -11.63
CA ASP A 136 4.91 11.28 -12.90
C ASP A 136 4.00 12.32 -13.54
N THR A 137 3.33 13.13 -12.71
CA THR A 137 2.35 14.09 -13.20
C THR A 137 2.88 15.51 -13.26
N GLY A 138 3.94 15.82 -12.52
CA GLY A 138 4.37 17.19 -12.34
C GLY A 138 3.54 17.99 -11.36
N ILE A 139 2.45 17.41 -10.84
CA ILE A 139 1.65 18.08 -9.82
C ILE A 139 2.39 17.99 -8.49
N ARG A 140 2.54 19.12 -7.83
CA ARG A 140 3.23 19.18 -6.55
C ARG A 140 2.24 19.41 -5.41
N ALA A 141 2.62 18.93 -4.23
CA ALA A 141 1.84 19.10 -3.02
C ALA A 141 2.15 20.45 -2.37
N GLY A 142 1.23 20.91 -1.54
CA GLY A 142 1.41 22.18 -0.86
C GLY A 142 1.30 22.08 0.65
N ILE A 143 1.38 20.86 1.19
CA ILE A 143 1.23 20.64 2.62
C ILE A 143 1.74 19.24 2.94
N ILE A 144 2.19 19.05 4.18
CA ILE A 144 2.70 17.75 4.63
C ILE A 144 1.82 17.20 5.75
N KCX A 145 1.49 15.90 5.67
CA KCX A 145 0.64 15.29 6.68
CB KCX A 145 -0.64 14.75 6.03
CG KCX A 145 -1.41 13.89 7.02
CD KCX A 145 -2.85 14.39 7.09
CE KCX A 145 -3.66 13.42 7.95
NZ KCX A 145 -4.85 12.99 7.24
C KCX A 145 1.37 14.15 7.42
O KCX A 145 2.10 13.36 6.76
CX KCX A 145 -5.86 12.19 7.91
OQ1 KCX A 145 -5.71 11.84 9.11
OQ2 KCX A 145 -6.89 11.84 7.28
N VAL A 146 1.25 14.16 8.74
CA VAL A 146 1.82 13.10 9.56
C VAL A 146 0.72 12.46 10.40
N ALA A 147 1.10 11.53 11.28
CA ALA A 147 0.14 10.84 12.13
C ALA A 147 0.89 10.10 13.22
N THR A 148 0.25 9.99 14.39
CA THR A 148 0.80 9.24 15.51
C THR A 148 -0.34 8.51 16.21
N THR A 149 -0.03 7.34 16.75
CA THR A 149 -0.98 6.54 17.54
C THR A 149 -0.45 6.46 18.97
N GLY A 150 -0.92 7.36 19.83
CA GLY A 150 -0.47 7.38 21.21
C GLY A 150 1.00 7.70 21.30
N LYS A 151 1.68 7.04 22.24
CA LYS A 151 3.14 7.09 22.33
C LYS A 151 3.73 6.69 20.99
N ALA A 152 4.19 7.68 20.21
CA ALA A 152 4.52 7.46 18.82
C ALA A 152 5.60 6.39 18.65
N THR A 153 5.46 5.59 17.60
CA THR A 153 6.42 4.55 17.30
C THR A 153 7.75 5.18 16.88
N PRO A 154 8.85 4.41 16.96
CA PRO A 154 10.13 4.96 16.50
C PRO A 154 10.11 5.40 15.05
N PHE A 155 9.40 4.67 14.18
CA PHE A 155 9.30 5.09 12.78
C PHE A 155 8.46 6.34 12.65
N GLN A 156 7.37 6.45 13.40
CA GLN A 156 6.57 7.67 13.38
C GLN A 156 7.39 8.87 13.83
N GLU A 157 8.31 8.67 14.77
CA GLU A 157 9.21 9.76 15.17
C GLU A 157 10.15 10.12 14.02
N LEU A 158 10.58 9.14 13.24
CA LEU A 158 11.36 9.43 12.05
C LEU A 158 10.56 10.24 11.05
N VAL A 159 9.27 9.89 10.88
CA VAL A 159 8.41 10.61 9.96
C VAL A 159 8.26 12.07 10.38
N LEU A 160 8.01 12.29 11.68
CA LEU A 160 7.88 13.65 12.20
C LEU A 160 9.16 14.46 11.99
N ARG A 161 10.32 13.79 11.99
CA ARG A 161 11.58 14.49 11.75
C ARG A 161 11.71 14.89 10.29
N ALA A 162 11.48 13.95 9.37
CA ALA A 162 11.64 14.24 7.95
C ALA A 162 10.64 15.28 7.47
N ALA A 163 9.42 15.29 8.02
CA ALA A 163 8.44 16.27 7.62
C ALA A 163 8.88 17.68 8.00
N ALA A 164 9.44 17.85 9.20
CA ALA A 164 9.93 19.15 9.62
C ALA A 164 11.13 19.59 8.81
N ARG A 165 12.02 18.64 8.48
CA ARG A 165 13.18 18.98 7.64
C ARG A 165 12.75 19.35 6.23
N ALA A 166 11.68 18.74 5.71
CA ALA A 166 11.16 19.14 4.41
C ALA A 166 10.47 20.50 4.49
N SER A 167 9.80 20.77 5.61
CA SER A 167 9.12 22.06 5.78
C SER A 167 10.12 23.20 5.94
N LEU A 168 11.27 22.94 6.56
CA LEU A 168 12.26 24.00 6.74
C LEU A 168 12.96 24.35 5.44
N ALA A 169 13.12 23.39 4.54
CA ALA A 169 13.81 23.66 3.28
C ALA A 169 12.92 24.42 2.30
N THR A 170 11.62 24.12 2.29
CA THR A 170 10.71 24.68 1.29
C THR A 170 9.70 25.67 1.85
N GLY A 171 9.47 25.68 3.15
CA GLY A 171 8.46 26.55 3.73
C GLY A 171 7.04 26.02 3.66
N VAL A 172 6.84 24.84 3.08
CA VAL A 172 5.49 24.27 2.97
C VAL A 172 5.00 23.85 4.34
N PRO A 173 3.72 24.08 4.67
CA PRO A 173 3.25 23.80 6.04
C PRO A 173 3.19 22.32 6.39
N VAL A 174 2.84 22.02 7.63
CA VAL A 174 2.70 20.66 8.14
C VAL A 174 1.42 20.58 8.96
N THR A 175 0.57 19.61 8.63
CA THR A 175 -0.62 19.34 9.42
C THR A 175 -0.55 17.89 9.92
N THR A 176 -1.06 17.67 11.13
CA THR A 176 -0.90 16.38 11.79
C THR A 176 -2.24 15.68 11.95
N HIS A 177 -2.17 14.36 12.05
CA HIS A 177 -3.30 13.56 12.50
C HIS A 177 -3.04 13.12 13.94
N THR A 178 -3.93 13.51 14.82
CA THR A 178 -3.98 12.98 16.17
C THR A 178 -5.36 12.40 16.40
N SER A 179 -5.42 11.29 17.12
CA SER A 179 -6.69 10.96 17.75
C SER A 179 -6.95 12.08 18.74
N GLY A 180 -7.65 13.13 18.31
CA GLY A 180 -7.84 14.33 19.11
C GLY A 180 -8.22 14.05 20.54
N SER A 181 -8.78 12.87 20.77
CA SER A 181 -8.98 12.34 22.11
C SER A 181 -7.69 11.80 22.70
N GLN A 182 -6.55 12.38 22.32
CA GLN A 182 -5.26 12.00 22.86
C GLN A 182 -4.39 13.23 23.05
N ARG A 183 -3.24 13.02 23.70
CA ARG A 183 -2.27 14.08 23.85
C ARG A 183 -1.07 13.81 22.96
N ASP A 184 -1.34 13.51 21.69
CA ASP A 184 -0.27 13.46 20.69
C ASP A 184 0.28 14.85 20.38
N GLY A 185 -0.49 15.90 20.67
CA GLY A 185 -0.07 17.25 20.33
C GLY A 185 1.21 17.65 21.04
N GLU A 186 1.25 17.44 22.36
CA GLU A 186 2.48 17.74 23.12
C GLU A 186 3.64 16.91 22.59
N GLN A 187 3.41 15.64 22.28
CA GLN A 187 4.46 14.78 21.77
C GLN A 187 4.88 15.21 20.37
N GLN A 188 3.92 15.58 19.52
CA GLN A 188 4.25 16.07 18.19
C GLN A 188 4.95 17.42 18.25
N ALA A 189 4.53 18.28 19.19
CA ALA A 189 5.12 19.62 19.28
C ALA A 189 6.57 19.55 19.74
N ALA A 190 6.86 18.69 20.72
CA ALA A 190 8.22 18.58 21.23
C ALA A 190 9.20 18.15 20.14
N ILE A 191 8.78 17.20 19.30
CA ILE A 191 9.64 16.76 18.21
C ILE A 191 9.82 17.85 17.17
N PHE A 192 8.73 18.58 16.88
CA PHE A 192 8.85 19.71 15.95
C PHE A 192 9.76 20.79 16.50
N GLU A 193 9.69 21.06 17.82
CA GLU A 193 10.51 22.11 18.39
C GLU A 193 11.98 21.71 18.49
N SER A 194 12.26 20.41 18.63
CA SER A 194 13.65 19.96 18.63
C SER A 194 14.27 20.00 17.23
N GLU A 195 13.46 20.12 16.19
CA GLU A 195 13.93 20.23 14.82
C GLU A 195 14.01 21.67 14.34
N GLY A 196 13.74 22.64 15.21
CA GLY A 196 13.92 24.04 14.85
C GLY A 196 12.82 24.63 14.00
N LEU A 197 11.67 23.97 13.91
CA LEU A 197 10.56 24.47 13.11
C LEU A 197 9.65 25.33 13.96
N SER A 198 9.23 26.47 13.41
CA SER A 198 8.36 27.36 14.17
C SER A 198 6.93 26.84 14.16
N PRO A 199 6.20 27.02 15.28
CA PRO A 199 4.83 26.49 15.35
C PRO A 199 3.85 27.14 14.39
N SER A 200 4.20 28.26 13.76
CA SER A 200 3.31 28.90 12.81
C SER A 200 3.19 28.16 11.49
N ARG A 201 4.03 27.15 11.26
CA ARG A 201 3.95 26.31 10.08
C ARG A 201 3.41 24.92 10.40
N VAL A 202 2.84 24.73 11.59
CA VAL A 202 2.37 23.42 12.04
C VAL A 202 0.92 23.54 12.47
N CYS A 203 0.11 22.55 12.10
CA CYS A 203 -1.28 22.45 12.53
C CYS A 203 -1.48 21.14 13.28
N ILE A 204 -1.82 21.23 14.56
CA ILE A 204 -2.17 20.05 15.33
C ILE A 204 -3.62 19.70 15.01
N GLY A 205 -3.82 18.81 14.06
CA GLY A 205 -5.15 18.51 13.57
C GLY A 205 -5.97 17.70 14.53
N HIS A 206 -7.28 17.65 14.23
CA HIS A 206 -8.27 16.89 14.99
C HIS A 206 -8.36 17.35 16.44
N SER A 207 -7.92 18.57 16.73
CA SER A 207 -7.96 19.09 18.10
C SER A 207 -9.38 19.21 18.64
N ASP A 208 -10.40 19.12 17.79
CA ASP A 208 -11.78 19.30 18.23
C ASP A 208 -12.39 18.04 18.83
N ASP A 209 -11.69 16.91 18.80
CA ASP A 209 -12.21 15.70 19.45
C ASP A 209 -12.29 15.88 20.96
N THR A 210 -11.21 16.35 21.57
CA THR A 210 -11.18 16.58 23.00
C THR A 210 -11.97 17.84 23.37
N ASP A 211 -12.40 17.90 24.62
CA ASP A 211 -13.02 19.08 25.19
C ASP A 211 -12.08 19.86 26.09
N ASP A 212 -10.79 19.55 26.05
CA ASP A 212 -9.80 20.25 26.86
C ASP A 212 -9.55 21.63 26.27
N LEU A 213 -10.02 22.67 26.97
CA LEU A 213 -9.82 24.03 26.48
C LEU A 213 -8.39 24.51 26.73
N ARG A 214 -7.81 24.15 27.87
CA ARG A 214 -6.45 24.56 28.17
C ARG A 214 -5.42 23.85 27.30
N TYR A 215 -5.77 22.67 26.75
CA TYR A 215 -4.89 22.04 25.78
C TYR A 215 -4.88 22.81 24.46
N LEU A 216 -6.03 23.31 24.04
CA LEU A 216 -6.10 24.11 22.81
C LEU A 216 -5.46 25.47 23.03
N THR A 217 -5.82 26.16 24.11
CA THR A 217 -5.21 27.44 24.42
C THR A 217 -3.70 27.33 24.58
N GLY A 218 -3.22 26.22 25.12
CA GLY A 218 -1.79 26.01 25.20
C GLY A 218 -1.12 25.97 23.84
N LEU A 219 -1.71 25.21 22.91
CA LEU A 219 -1.15 25.12 21.56
C LEU A 219 -1.14 26.47 20.86
N ALA A 220 -2.26 27.20 20.95
CA ALA A 220 -2.35 28.49 20.27
C ALA A 220 -1.39 29.51 20.87
N ALA A 221 -1.30 29.57 22.21
CA ALA A 221 -0.38 30.50 22.85
C ALA A 221 1.06 30.22 22.47
N ARG A 222 1.39 28.97 22.16
CA ARG A 222 2.72 28.61 21.68
C ARG A 222 2.90 28.93 20.20
N GLY A 223 1.85 29.30 19.49
CA GLY A 223 1.93 29.66 18.09
C GLY A 223 1.40 28.61 17.13
N TYR A 224 1.03 27.43 17.62
CA TYR A 224 0.55 26.38 16.74
C TYR A 224 -0.83 26.70 16.21
N LEU A 225 -1.13 26.17 15.02
CA LEU A 225 -2.43 26.33 14.39
C LEU A 225 -3.36 25.23 14.88
N VAL A 226 -4.50 25.61 15.44
CA VAL A 226 -5.43 24.66 16.04
C VAL A 226 -6.40 24.22 14.95
N GLY A 227 -6.21 23.00 14.45
CA GLY A 227 -7.10 22.46 13.44
C GLY A 227 -8.35 21.82 14.02
N LEU A 228 -9.45 22.56 14.02
CA LEU A 228 -10.76 22.04 14.43
C LEU A 228 -11.47 21.56 13.18
N ASP A 229 -11.12 20.37 12.74
CA ASP A 229 -11.37 19.92 11.37
C ASP A 229 -12.21 18.65 11.30
N ARG A 230 -13.07 18.41 12.27
CA ARG A 230 -13.94 17.23 12.26
C ARG A 230 -15.35 17.63 12.69
N MET A 231 -15.85 18.71 12.11
CA MET A 231 -17.12 19.29 12.54
C MET A 231 -18.32 18.39 12.30
N PRO A 232 -18.54 17.82 11.12
CA PRO A 232 -19.79 17.07 10.89
C PRO A 232 -19.92 15.78 11.68
N TYR A 233 -18.88 15.36 12.41
CA TYR A 233 -18.93 14.10 13.16
C TYR A 233 -19.56 14.36 14.52
N SER A 234 -20.89 14.42 14.52
CA SER A 234 -21.69 14.64 15.71
C SER A 234 -22.02 13.31 16.39
N ALA A 235 -22.65 13.41 17.56
CA ALA A 235 -23.04 12.22 18.32
C ALA A 235 -23.95 11.33 17.48
N ILE A 236 -23.64 10.03 17.48
CA ILE A 236 -24.33 9.11 16.58
C ILE A 236 -25.68 8.64 17.13
N GLY A 237 -25.89 8.72 18.44
CA GLY A 237 -27.11 8.18 19.02
C GLY A 237 -27.17 6.68 18.75
N LEU A 238 -28.34 6.22 18.31
CA LEU A 238 -28.53 4.84 17.90
C LEU A 238 -28.72 4.71 16.39
N ARG A 239 -28.17 5.67 15.64
CA ARG A 239 -28.28 5.68 14.18
C ARG A 239 -27.14 4.94 13.49
N GLY A 240 -26.47 4.04 14.19
CA GLY A 240 -25.35 3.33 13.58
C GLY A 240 -24.84 2.23 14.47
N ASN A 241 -23.98 1.41 13.88
CA ASN A 241 -23.36 0.29 14.58
C ASN A 241 -22.26 0.79 15.53
N ALA A 242 -21.60 -0.16 16.20
CA ALA A 242 -20.50 0.21 17.08
C ALA A 242 -19.31 0.74 16.29
N SER A 243 -19.15 0.30 15.04
CA SER A 243 -18.10 0.85 14.19
C SER A 243 -18.33 2.33 13.91
N ALA A 244 -19.58 2.69 13.58
CA ALA A 244 -19.92 4.09 13.39
C ALA A 244 -19.70 4.88 14.68
N LEU A 245 -20.30 4.42 15.78
CA LEU A 245 -20.16 5.10 17.07
C LEU A 245 -18.69 5.30 17.45
N ALA A 246 -17.82 4.37 17.07
CA ALA A 246 -16.41 4.49 17.42
C ALA A 246 -15.75 5.63 16.66
N LEU A 247 -16.00 5.73 15.36
CA LEU A 247 -15.37 6.74 14.52
C LEU A 247 -16.19 8.02 14.41
N PHE A 248 -17.47 7.97 14.75
CA PHE A 248 -18.38 9.10 14.57
C PHE A 248 -18.88 9.70 15.88
N GLY A 249 -18.80 8.96 16.98
CA GLY A 249 -19.57 9.25 18.18
C GLY A 249 -19.41 10.58 18.88
N THR A 250 -20.10 10.70 20.02
CA THR A 250 -20.12 11.86 20.91
C THR A 250 -18.82 12.65 20.90
N ARG A 251 -18.90 13.98 20.93
CA ARG A 251 -20.12 14.73 21.23
C ARG A 251 -20.83 15.29 20.00
N SER A 252 -21.74 16.23 20.25
CA SER A 252 -22.47 16.88 19.18
C SER A 252 -21.58 17.86 18.43
N TRP A 253 -22.00 18.21 17.21
CA TRP A 253 -21.21 19.13 16.40
C TRP A 253 -21.26 20.55 16.93
N GLN A 254 -22.31 20.91 17.67
CA GLN A 254 -22.33 22.21 18.33
C GLN A 254 -21.21 22.31 19.37
N THR A 255 -20.95 21.22 20.09
CA THR A 255 -19.86 21.21 21.06
C THR A 255 -18.51 21.43 20.37
N ARG A 256 -18.35 20.88 19.17
CA ARG A 256 -17.13 21.11 18.40
C ARG A 256 -17.06 22.56 17.93
N ALA A 257 -18.17 23.08 17.39
CA ALA A 257 -18.17 24.44 16.86
C ALA A 257 -18.01 25.48 17.97
N LEU A 258 -18.49 25.17 19.18
CA LEU A 258 -18.34 26.10 20.29
C LEU A 258 -16.89 26.21 20.74
N LEU A 259 -16.03 25.28 20.32
CA LEU A 259 -14.60 25.42 20.60
C LEU A 259 -13.98 26.51 19.74
N ILE A 260 -14.55 26.78 18.56
CA ILE A 260 -14.13 27.93 17.77
C ILE A 260 -14.45 29.21 18.51
N LYS A 261 -15.68 29.33 19.01
CA LYS A 261 -16.07 30.49 19.80
C LYS A 261 -15.22 30.61 21.06
N ALA A 262 -14.83 29.47 21.65
CA ALA A 262 -14.05 29.49 22.87
C ALA A 262 -12.67 30.11 22.65
N LEU A 263 -12.01 29.72 21.56
CA LEU A 263 -10.67 30.25 21.29
C LEU A 263 -10.73 31.69 20.80
N ILE A 264 -11.77 32.05 20.06
CA ILE A 264 -11.90 33.43 19.57
C ILE A 264 -12.04 34.39 20.74
N ASP A 265 -12.80 34.02 21.77
CA ASP A 265 -12.99 34.89 22.93
C ASP A 265 -11.71 35.10 23.71
N ARG A 266 -10.70 34.25 23.53
CA ARG A 266 -9.45 34.34 24.27
C ARG A 266 -8.32 34.95 23.45
N GLY A 267 -8.65 35.69 22.39
CA GLY A 267 -7.67 36.39 21.60
C GLY A 267 -6.92 35.54 20.59
N TYR A 268 -7.27 34.26 20.45
CA TYR A 268 -6.58 33.36 19.52
C TYR A 268 -7.41 33.10 18.27
N LYS A 269 -8.05 34.13 17.72
CA LYS A 269 -8.81 33.98 16.49
C LYS A 269 -7.92 33.71 15.28
N ASP A 270 -6.64 34.09 15.36
CA ASP A 270 -5.69 33.92 14.27
C ASP A 270 -5.02 32.55 14.27
N ARG A 271 -5.42 31.65 15.18
CA ARG A 271 -4.76 30.36 15.33
C ARG A 271 -5.71 29.19 15.06
N ILE A 272 -6.75 29.40 14.26
CA ILE A 272 -7.81 28.40 14.07
C ILE A 272 -7.88 28.03 12.59
N LEU A 273 -8.11 26.75 12.34
CA LEU A 273 -8.39 26.25 10.99
C LEU A 273 -9.54 25.26 11.09
N VAL A 274 -10.65 25.57 10.42
CA VAL A 274 -11.88 24.79 10.53
C VAL A 274 -12.09 24.03 9.23
N SER A 275 -12.39 22.73 9.35
CA SER A 275 -12.61 21.88 8.19
C SER A 275 -13.58 20.76 8.59
N HIS A 276 -13.75 19.78 7.69
CA HIS A 276 -14.69 18.68 7.92
C HIS A 276 -14.02 17.34 8.17
N ASP A 277 -12.83 17.11 7.60
CA ASP A 277 -12.26 15.77 7.50
C ASP A 277 -13.24 14.82 6.82
N TRP A 278 -13.88 15.31 5.77
CA TRP A 278 -14.88 14.55 5.04
C TRP A 278 -14.24 13.89 3.81
N LEU A 279 -14.99 12.97 3.22
CA LEU A 279 -14.53 12.28 2.02
C LEU A 279 -15.74 11.75 1.27
N PHE A 280 -15.49 11.33 0.02
CA PHE A 280 -16.52 10.72 -0.80
C PHE A 280 -16.28 9.24 -1.04
N GLY A 281 -15.09 8.74 -0.69
CA GLY A 281 -14.79 7.32 -0.73
C GLY A 281 -13.94 6.90 0.46
N PHE A 282 -14.35 5.84 1.15
CA PHE A 282 -13.69 5.42 2.38
C PHE A 282 -13.49 3.91 2.32
N SER A 283 -12.23 3.49 2.15
CA SER A 283 -11.89 2.07 2.11
C SER A 283 -11.15 1.59 3.34
N SER A 284 -10.62 2.48 4.17
CA SER A 284 -9.81 2.08 5.30
C SER A 284 -10.67 1.80 6.53
N TYR A 285 -11.89 1.32 6.32
CA TYR A 285 -12.81 1.09 7.42
C TYR A 285 -13.87 0.09 6.96
N VAL A 286 -14.91 -0.09 7.78
CA VAL A 286 -15.95 -1.05 7.48
C VAL A 286 -16.67 -0.64 6.19
N THR A 287 -17.19 -1.63 5.48
CA THR A 287 -17.86 -1.38 4.21
C THR A 287 -19.17 -0.63 4.44
N ASN A 288 -19.51 0.23 3.49
CA ASN A 288 -20.74 1.03 3.50
C ASN A 288 -20.80 1.98 4.68
N ILE A 289 -19.65 2.31 5.28
CA ILE A 289 -19.61 3.38 6.27
C ILE A 289 -19.95 4.71 5.61
N MET A 290 -19.69 4.83 4.30
CA MET A 290 -19.96 6.07 3.58
C MET A 290 -21.45 6.37 3.50
N ARG A 291 -22.28 5.33 3.38
CA ARG A 291 -23.73 5.55 3.36
C ARG A 291 -24.23 6.01 4.72
N VAL A 292 -23.62 5.54 5.80
CA VAL A 292 -23.95 6.05 7.13
C VAL A 292 -23.60 7.52 7.24
N MET A 293 -22.43 7.91 6.72
CA MET A 293 -22.00 9.30 6.81
C MET A 293 -22.85 10.21 5.95
N ASP A 294 -23.43 9.68 4.87
CA ASP A 294 -24.32 10.50 4.04
C ASP A 294 -25.70 10.65 4.67
N ARG A 295 -26.13 9.68 5.48
CA ARG A 295 -27.37 9.85 6.23
C ARG A 295 -27.24 10.96 7.26
N ILE A 296 -26.10 10.99 7.96
CA ILE A 296 -25.92 11.98 9.04
C ILE A 296 -25.65 13.36 8.49
N ASN A 297 -24.91 13.45 7.38
CA ASN A 297 -24.52 14.74 6.80
C ASN A 297 -24.65 14.69 5.29
N PRO A 298 -25.84 15.01 4.74
CA PRO A 298 -25.98 15.09 3.29
C PRO A 298 -25.27 16.28 2.68
N ASP A 299 -25.04 17.34 3.46
CA ASP A 299 -24.35 18.52 2.93
C ASP A 299 -22.89 18.23 2.59
N GLY A 300 -22.30 17.26 3.26
CA GLY A 300 -20.91 16.91 2.97
C GLY A 300 -19.98 18.05 3.35
N MET A 301 -19.15 18.46 2.38
CA MET A 301 -18.19 19.53 2.60
C MET A 301 -18.83 20.92 2.63
N ALA A 302 -20.14 21.01 2.43
CA ALA A 302 -20.87 22.26 2.60
C ALA A 302 -21.42 22.42 4.01
N PHE A 303 -21.07 21.52 4.93
CA PHE A 303 -21.60 21.58 6.29
C PHE A 303 -21.13 22.84 7.00
N VAL A 304 -19.83 23.12 6.96
CA VAL A 304 -19.30 24.30 7.65
C VAL A 304 -19.89 25.60 7.12
N PRO A 305 -19.93 25.86 5.81
CA PRO A 305 -20.54 27.13 5.36
C PRO A 305 -22.03 27.21 5.61
N LEU A 306 -22.76 26.11 5.46
CA LEU A 306 -24.20 26.13 5.59
C LEU A 306 -24.69 25.97 7.03
N ARG A 307 -23.87 25.42 7.92
CA ARG A 307 -24.35 25.12 9.28
C ARG A 307 -23.44 25.67 10.37
N VAL A 308 -22.12 25.55 10.22
CA VAL A 308 -21.21 25.98 11.29
C VAL A 308 -21.13 27.50 11.33
N ILE A 309 -20.97 28.14 10.16
CA ILE A 309 -20.89 29.60 10.13
C ILE A 309 -22.15 30.25 10.70
N PRO A 310 -23.37 29.90 10.26
CA PRO A 310 -24.55 30.55 10.85
C PRO A 310 -24.76 30.24 12.32
N PHE A 311 -24.37 29.04 12.78
CA PHE A 311 -24.52 28.71 14.19
C PHE A 311 -23.66 29.63 15.06
N LEU A 312 -22.42 29.86 14.65
CA LEU A 312 -21.56 30.79 15.39
C LEU A 312 -22.07 32.22 15.28
N ARG A 313 -22.60 32.59 14.11
CA ARG A 313 -23.10 33.95 13.93
C ARG A 313 -24.31 34.22 14.82
N GLU A 314 -25.13 33.20 15.09
CA GLU A 314 -26.26 33.38 16.00
C GLU A 314 -25.78 33.69 17.41
N LYS A 315 -24.66 33.09 17.83
CA LYS A 315 -24.13 33.30 19.16
C LYS A 315 -23.35 34.60 19.29
N GLY A 316 -23.41 35.48 18.30
CA GLY A 316 -22.77 36.78 18.40
C GLY A 316 -21.35 36.84 17.90
N VAL A 317 -20.91 35.86 17.12
CA VAL A 317 -19.57 35.91 16.53
C VAL A 317 -19.61 36.78 15.28
N PRO A 318 -18.78 37.82 15.18
CA PRO A 318 -18.87 38.72 14.04
C PRO A 318 -18.47 38.02 12.76
N PRO A 319 -19.04 38.42 11.61
CA PRO A 319 -18.67 37.77 10.34
C PRO A 319 -17.28 38.13 9.85
N GLU A 320 -16.69 39.23 10.33
CA GLU A 320 -15.32 39.53 9.96
C GLU A 320 -14.34 38.59 10.65
N THR A 321 -14.71 38.08 11.84
CA THR A 321 -13.85 37.12 12.52
C THR A 321 -13.88 35.77 11.81
N LEU A 322 -15.06 35.33 11.37
CA LEU A 322 -15.15 34.08 10.61
C LEU A 322 -14.56 34.22 9.22
N ALA A 323 -14.54 35.45 8.68
CA ALA A 323 -13.89 35.69 7.40
C ALA A 323 -12.37 35.62 7.51
N GLY A 324 -11.83 35.72 8.72
CA GLY A 324 -10.40 35.58 8.92
C GLY A 324 -10.01 34.15 9.22
N VAL A 325 -10.92 33.40 9.86
CA VAL A 325 -10.65 32.01 10.17
C VAL A 325 -10.72 31.16 8.90
N THR A 326 -11.63 31.50 8.00
CA THR A 326 -11.85 30.70 6.79
C THR A 326 -10.96 31.12 5.62
N VAL A 327 -10.46 32.36 5.60
CA VAL A 327 -9.73 32.89 4.45
C VAL A 327 -8.34 33.35 4.85
N ALA A 328 -8.24 34.18 5.89
CA ALA A 328 -6.96 34.80 6.23
C ALA A 328 -5.97 33.77 6.77
N ASN A 329 -6.36 33.00 7.78
CA ASN A 329 -5.46 32.00 8.33
C ASN A 329 -5.09 30.91 7.33
N PRO A 330 -6.02 30.34 6.54
CA PRO A 330 -5.60 29.37 5.53
C PRO A 330 -4.63 29.93 4.52
N ALA A 331 -4.83 31.18 4.08
CA ALA A 331 -3.89 31.81 3.17
C ALA A 331 -2.53 32.02 3.83
N ARG A 332 -2.54 32.46 5.10
CA ARG A 332 -1.30 32.65 5.83
C ARG A 332 -0.58 31.32 6.05
N PHE A 333 -1.35 30.26 6.31
CA PHE A 333 -0.77 28.96 6.65
C PHE A 333 -0.31 28.18 5.42
N LEU A 334 -0.95 28.39 4.28
CA LEU A 334 -0.58 27.68 3.06
C LEU A 334 0.50 28.37 2.25
N SER A 335 0.88 29.59 2.61
CA SER A 335 1.87 30.33 1.84
C SER A 335 3.27 29.84 2.21
N PRO A 336 4.07 29.36 1.26
CA PRO A 336 5.43 28.91 1.57
C PRO A 336 6.25 30.01 2.21
N THR A 337 6.65 29.79 3.46
CA THR A 337 7.39 30.76 4.26
C THR A 337 8.79 30.19 4.51
N VAL A 338 9.76 30.63 3.71
CA VAL A 338 11.14 30.20 3.88
C VAL A 338 11.84 31.06 4.93
N THR B 9 -7.06 -31.38 -24.45
CA THR B 9 -8.20 -31.11 -25.32
C THR B 9 -8.36 -29.61 -25.56
N GLY B 10 -7.37 -28.84 -25.14
CA GLY B 10 -7.40 -27.40 -25.31
C GLY B 10 -7.14 -26.63 -24.05
N ASP B 11 -5.89 -26.69 -23.56
CA ASP B 11 -5.48 -26.01 -22.34
C ASP B 11 -4.53 -24.88 -22.66
N LEU B 12 -4.63 -23.79 -21.89
CA LEU B 12 -3.81 -22.61 -22.09
C LEU B 12 -3.86 -21.75 -20.84
N ILE B 13 -2.80 -20.98 -20.62
CA ILE B 13 -2.61 -20.24 -19.38
C ILE B 13 -2.37 -18.77 -19.69
N ASN B 14 -2.81 -17.90 -18.78
CA ASN B 14 -2.70 -16.46 -18.96
C ASN B 14 -1.30 -15.98 -18.58
N THR B 15 -0.63 -15.33 -19.52
CA THR B 15 0.63 -14.63 -19.27
C THR B 15 0.37 -13.12 -19.31
N VAL B 16 1.43 -12.36 -19.04
CA VAL B 16 1.30 -10.91 -19.08
C VAL B 16 1.12 -10.39 -20.50
N ARG B 17 1.54 -11.17 -21.50
CA ARG B 17 1.30 -10.83 -22.89
C ARG B 17 -0.01 -11.41 -23.42
N GLY B 18 -0.63 -12.33 -22.69
CA GLY B 18 -1.86 -12.95 -23.13
C GLY B 18 -1.84 -14.45 -22.88
N PRO B 19 -2.85 -15.15 -23.39
CA PRO B 19 -2.91 -16.61 -23.21
C PRO B 19 -1.95 -17.31 -24.15
N ILE B 20 -1.17 -18.24 -23.60
CA ILE B 20 -0.31 -19.11 -24.41
C ILE B 20 -0.63 -20.56 -24.06
N PRO B 21 -0.45 -21.50 -24.98
CA PRO B 21 -0.70 -22.90 -24.65
C PRO B 21 0.33 -23.43 -23.66
N VAL B 22 -0.06 -24.49 -22.95
CA VAL B 22 0.80 -25.06 -21.92
C VAL B 22 2.03 -25.72 -22.55
N SER B 23 1.92 -26.17 -23.80
CA SER B 23 3.04 -26.85 -24.45
C SER B 23 4.23 -25.91 -24.64
N GLU B 24 3.97 -24.62 -24.87
CA GLU B 24 5.01 -23.65 -25.11
C GLU B 24 5.58 -23.04 -23.83
N ALA B 25 5.28 -23.63 -22.66
CA ALA B 25 5.81 -23.10 -21.41
C ALA B 25 7.26 -23.54 -21.21
N GLY B 26 7.51 -24.85 -21.18
CA GLY B 26 8.86 -25.35 -21.05
C GLY B 26 9.44 -25.15 -19.65
N PHE B 27 10.74 -24.93 -19.60
CA PHE B 27 11.46 -24.67 -18.36
C PHE B 27 10.83 -23.50 -17.62
N THR B 28 10.23 -23.76 -16.46
CA THR B 28 9.43 -22.76 -15.76
C THR B 28 9.92 -22.62 -14.32
N LEU B 29 10.17 -21.38 -13.92
CA LEU B 29 10.46 -21.05 -12.52
C LEU B 29 9.16 -20.63 -11.85
N THR B 30 8.78 -21.33 -10.79
CA THR B 30 7.44 -21.25 -10.23
C THR B 30 7.28 -20.22 -9.12
N HIS B 31 8.35 -19.54 -8.72
CA HIS B 31 8.25 -18.55 -7.64
C HIS B 31 9.41 -17.56 -7.83
N GLU B 32 9.13 -16.48 -8.57
CA GLU B 32 10.11 -15.44 -8.80
C GLU B 32 9.43 -14.08 -8.66
N HIS B 33 10.25 -13.04 -8.56
CA HIS B 33 9.77 -11.66 -8.51
C HIS B 33 10.60 -10.82 -9.45
N ILE B 34 9.93 -9.94 -10.20
CA ILE B 34 10.66 -8.92 -10.95
C ILE B 34 11.07 -7.77 -10.03
N CYS B 35 10.14 -7.32 -9.20
CA CYS B 35 10.42 -6.26 -8.23
C CYS B 35 9.67 -6.54 -6.95
N GLY B 36 10.39 -6.56 -5.83
CA GLY B 36 9.78 -6.75 -4.53
C GLY B 36 9.61 -5.42 -3.81
N SER B 37 8.41 -4.86 -3.87
CA SER B 37 8.15 -3.55 -3.28
C SER B 37 6.84 -3.52 -2.51
N SER B 38 6.17 -2.38 -2.54
CA SER B 38 4.88 -2.20 -1.91
C SER B 38 3.94 -1.53 -2.91
N ALA B 39 2.65 -1.57 -2.61
CA ALA B 39 1.63 -1.09 -3.54
C ALA B 39 1.85 0.38 -3.86
N GLY B 40 1.91 0.69 -5.16
CA GLY B 40 2.02 2.06 -5.63
C GLY B 40 3.36 2.70 -5.34
N PHE B 41 4.31 1.92 -4.84
CA PHE B 41 5.61 2.47 -4.45
C PHE B 41 6.50 2.73 -5.66
N LEU B 42 6.42 1.88 -6.69
CA LEU B 42 7.31 2.01 -7.83
C LEU B 42 7.08 3.33 -8.56
N ARG B 43 5.81 3.67 -8.82
CA ARG B 43 5.52 4.90 -9.54
C ARG B 43 5.57 6.13 -8.66
N ALA B 44 5.48 5.97 -7.33
CA ALA B 44 5.53 7.12 -6.44
C ALA B 44 6.96 7.56 -6.15
N TRP B 45 7.90 6.61 -6.09
CA TRP B 45 9.30 6.92 -5.79
C TRP B 45 10.20 5.97 -6.57
N PRO B 46 10.28 6.16 -7.89
CA PRO B 46 11.15 5.27 -8.69
C PRO B 46 12.63 5.58 -8.54
N GLU B 47 12.99 6.74 -8.00
CA GLU B 47 14.40 7.05 -7.80
C GLU B 47 15.04 6.18 -6.72
N PHE B 48 14.24 5.51 -5.89
CA PHE B 48 14.78 4.54 -4.95
C PHE B 48 15.54 3.44 -5.67
N PHE B 49 15.11 3.09 -6.88
CA PHE B 49 15.82 2.15 -7.75
C PHE B 49 16.72 2.87 -8.75
N GLY B 50 17.24 4.04 -8.39
CA GLY B 50 17.97 4.86 -9.32
C GLY B 50 17.04 5.53 -10.32
N SER B 51 16.37 4.71 -11.12
CA SER B 51 15.33 5.17 -12.03
C SER B 51 14.50 3.96 -12.44
N ARG B 52 13.24 4.22 -12.81
CA ARG B 52 12.40 3.14 -13.32
C ARG B 52 13.01 2.51 -14.57
N LYS B 53 13.67 3.31 -15.39
CA LYS B 53 14.32 2.79 -16.59
C LYS B 53 15.46 1.84 -16.22
N ALA B 54 16.29 2.24 -15.24
CA ALA B 54 17.39 1.39 -14.82
C ALA B 54 16.89 0.07 -14.23
N LEU B 55 15.74 0.10 -13.55
CA LEU B 55 15.16 -1.13 -13.03
C LEU B 55 14.72 -2.05 -14.16
N VAL B 56 14.18 -1.48 -15.24
CA VAL B 56 13.83 -2.28 -16.41
C VAL B 56 15.09 -2.80 -17.09
N GLU B 57 16.06 -1.92 -17.33
CA GLU B 57 17.29 -2.30 -18.00
C GLU B 57 18.00 -3.44 -17.27
N LYS B 58 18.02 -3.38 -15.93
CA LYS B 58 18.66 -4.44 -15.16
C LYS B 58 17.82 -5.72 -15.18
N ALA B 59 16.49 -5.58 -15.19
CA ALA B 59 15.64 -6.75 -15.19
C ALA B 59 15.68 -7.47 -16.54
N VAL B 60 15.67 -6.71 -17.64
CA VAL B 60 15.72 -7.32 -18.97
C VAL B 60 17.04 -8.05 -19.17
N ARG B 61 18.14 -7.46 -18.71
CA ARG B 61 19.44 -8.11 -18.85
C ARG B 61 19.50 -9.39 -18.01
N GLY B 62 18.74 -9.46 -16.92
CA GLY B 62 18.76 -10.62 -16.06
C GLY B 62 17.98 -11.81 -16.61
N LEU B 63 16.83 -11.54 -17.23
CA LEU B 63 16.02 -12.64 -17.77
C LEU B 63 16.62 -13.20 -19.06
N ARG B 64 17.26 -12.35 -19.87
CA ARG B 64 17.97 -12.86 -21.04
C ARG B 64 19.12 -13.76 -20.63
N HIS B 65 19.78 -13.43 -19.52
CA HIS B 65 20.80 -14.32 -18.96
C HIS B 65 20.20 -15.65 -18.54
N ALA B 66 18.93 -15.64 -18.10
CA ALA B 66 18.27 -16.87 -17.70
C ALA B 66 17.78 -17.67 -18.90
N ARG B 67 17.25 -16.99 -19.93
CA ARG B 67 16.81 -17.70 -21.12
C ARG B 67 17.99 -18.28 -21.88
N ALA B 68 19.15 -17.61 -21.83
CA ALA B 68 20.36 -18.21 -22.38
C ALA B 68 20.74 -19.49 -21.65
N ALA B 69 20.32 -19.64 -20.40
CA ALA B 69 20.53 -20.86 -19.64
C ALA B 69 19.38 -21.84 -19.77
N GLY B 70 18.38 -21.55 -20.59
CA GLY B 70 17.29 -22.47 -20.85
C GLY B 70 15.94 -22.07 -20.29
N VAL B 71 15.85 -20.99 -19.51
CA VAL B 71 14.59 -20.61 -18.90
C VAL B 71 13.66 -20.04 -19.97
N GLN B 72 12.45 -20.60 -20.06
CA GLN B 72 11.46 -20.13 -21.03
C GLN B 72 10.28 -19.42 -20.39
N THR B 73 10.04 -19.60 -19.10
CA THR B 73 8.90 -18.99 -18.43
C THR B 73 9.20 -18.89 -16.94
N ILE B 74 8.74 -17.80 -16.32
CA ILE B 74 8.75 -17.65 -14.87
C ILE B 74 7.37 -17.19 -14.44
N VAL B 75 7.12 -17.29 -13.13
CA VAL B 75 5.88 -16.84 -12.52
C VAL B 75 6.21 -15.75 -11.52
N ASP B 76 5.71 -14.55 -11.76
CA ASP B 76 5.91 -13.42 -10.84
C ASP B 76 4.77 -13.46 -9.83
N VAL B 77 5.05 -14.02 -8.65
CA VAL B 77 4.04 -14.19 -7.62
C VAL B 77 3.94 -12.94 -6.75
N SER B 78 4.30 -11.79 -7.31
CA SER B 78 4.13 -10.53 -6.61
C SER B 78 2.66 -10.15 -6.60
N THR B 79 2.11 -9.91 -5.41
CA THR B 79 0.71 -9.54 -5.28
C THR B 79 0.56 -8.03 -5.22
N PHE B 80 -0.68 -7.58 -5.00
CA PHE B 80 -0.96 -6.15 -4.92
C PHE B 80 -0.10 -5.47 -3.86
N ASP B 81 0.10 -6.13 -2.72
CA ASP B 81 0.87 -5.55 -1.62
C ASP B 81 2.36 -5.88 -1.69
N ILE B 82 2.80 -6.55 -2.75
CA ILE B 82 4.23 -6.69 -3.04
C ILE B 82 4.69 -5.66 -4.08
N GLY B 83 3.80 -4.74 -4.47
CA GLY B 83 4.16 -3.73 -5.43
C GLY B 83 4.09 -4.17 -6.87
N ARG B 84 3.35 -5.25 -7.15
CA ARG B 84 3.20 -5.77 -8.51
C ARG B 84 2.73 -4.70 -9.47
N ASP B 85 3.60 -4.30 -10.39
CA ASP B 85 3.23 -3.43 -11.50
C ASP B 85 3.08 -4.33 -12.72
N VAL B 86 1.82 -4.61 -13.10
CA VAL B 86 1.57 -5.52 -14.21
C VAL B 86 2.10 -4.94 -15.52
N ARG B 87 2.17 -3.62 -15.63
CA ARG B 87 2.72 -3.00 -16.83
C ARG B 87 4.23 -3.16 -16.89
N LEU B 88 4.90 -3.04 -15.75
CA LEU B 88 6.33 -3.32 -15.69
C LEU B 88 6.62 -4.76 -16.12
N LEU B 89 5.76 -5.69 -15.70
CA LEU B 89 5.93 -7.09 -16.08
C LEU B 89 5.74 -7.27 -17.59
N ALA B 90 4.74 -6.60 -18.16
CA ALA B 90 4.50 -6.71 -19.60
C ALA B 90 5.66 -6.13 -20.41
N GLU B 91 6.31 -5.09 -19.91
CA GLU B 91 7.41 -4.48 -20.64
C GLU B 91 8.63 -5.38 -20.67
N VAL B 92 9.06 -5.86 -19.49
CA VAL B 92 10.24 -6.72 -19.44
C VAL B 92 9.96 -8.09 -20.04
N SER B 93 8.70 -8.49 -20.17
CA SER B 93 8.38 -9.76 -20.81
C SER B 93 8.65 -9.70 -22.31
N ARG B 94 8.14 -8.65 -22.97
CA ARG B 94 8.38 -8.50 -24.40
C ARG B 94 9.84 -8.20 -24.69
N ALA B 95 10.49 -7.42 -23.81
CA ALA B 95 11.87 -7.01 -24.05
C ALA B 95 12.83 -8.18 -23.91
N ALA B 96 12.59 -9.06 -22.93
CA ALA B 96 13.45 -10.22 -22.71
C ALA B 96 12.93 -11.47 -23.42
N ASP B 97 11.74 -11.42 -24.01
CA ASP B 97 11.17 -12.52 -24.77
C ASP B 97 10.95 -13.75 -23.87
N VAL B 98 10.46 -13.52 -22.67
CA VAL B 98 10.23 -14.57 -21.69
C VAL B 98 8.78 -14.48 -21.22
N HIS B 99 8.08 -15.60 -21.22
CA HIS B 99 6.72 -15.64 -20.70
C HIS B 99 6.73 -15.40 -19.19
N ILE B 100 5.82 -14.55 -18.72
CA ILE B 100 5.69 -14.24 -17.30
C ILE B 100 4.21 -14.33 -16.94
N VAL B 101 3.92 -15.06 -15.87
CA VAL B 101 2.56 -15.19 -15.35
C VAL B 101 2.42 -14.28 -14.14
N ALA B 102 1.38 -13.45 -14.15
CA ALA B 102 1.12 -12.55 -13.03
C ALA B 102 0.42 -13.32 -11.91
N ALA B 103 0.09 -12.61 -10.82
CA ALA B 103 -0.48 -13.25 -9.66
C ALA B 103 -1.41 -12.28 -8.93
N THR B 104 -2.52 -12.81 -8.44
CA THR B 104 -3.38 -12.12 -7.49
C THR B 104 -3.22 -12.78 -6.13
N GLY B 105 -3.98 -12.29 -5.15
CA GLY B 105 -3.86 -12.75 -3.79
C GLY B 105 -3.36 -11.66 -2.86
N LEU B 106 -2.83 -12.09 -1.72
CA LEU B 106 -2.34 -11.15 -0.72
C LEU B 106 -1.13 -11.73 0.00
N TRP B 107 -0.10 -10.91 0.14
CA TRP B 107 1.09 -11.20 0.93
C TRP B 107 0.83 -10.71 2.37
N PHE B 108 1.84 -10.73 3.24
CA PHE B 108 1.61 -10.38 4.63
C PHE B 108 1.88 -8.91 4.93
N ASP B 109 1.66 -8.01 3.97
CA ASP B 109 1.69 -6.56 4.22
C ASP B 109 0.49 -5.90 3.56
N PRO B 110 -0.72 -6.27 3.95
CA PRO B 110 -1.90 -5.68 3.33
C PRO B 110 -2.25 -4.36 4.00
N PRO B 111 -2.72 -3.38 3.23
CA PRO B 111 -3.10 -2.08 3.81
C PRO B 111 -4.45 -2.20 4.53
N LEU B 112 -4.88 -1.08 5.10
CA LEU B 112 -6.15 -1.06 5.83
C LEU B 112 -7.33 -1.38 4.93
N SER B 113 -7.27 -0.98 3.67
CA SER B 113 -8.36 -1.27 2.74
C SER B 113 -8.47 -2.75 2.42
N MET B 114 -7.43 -3.54 2.71
CA MET B 114 -7.47 -4.98 2.56
C MET B 114 -7.73 -5.70 3.87
N ARG B 115 -7.10 -5.27 4.96
CA ARG B 115 -7.28 -5.93 6.25
C ARG B 115 -8.69 -5.78 6.78
N MET B 116 -9.45 -4.79 6.32
CA MET B 116 -10.80 -4.54 6.80
C MET B 116 -11.87 -5.23 5.98
N ARG B 117 -11.49 -6.15 5.09
CA ARG B 117 -12.45 -6.81 4.21
C ARG B 117 -12.81 -8.19 4.73
N SER B 118 -13.91 -8.73 4.20
CA SER B 118 -14.42 -10.03 4.59
C SER B 118 -14.00 -11.08 3.55
N VAL B 119 -14.38 -12.33 3.81
CA VAL B 119 -13.94 -13.44 2.95
C VAL B 119 -14.61 -13.35 1.58
N GLU B 120 -15.86 -12.88 1.52
CA GLU B 120 -16.51 -12.73 0.22
C GLU B 120 -15.93 -11.57 -0.57
N GLU B 121 -15.72 -10.43 0.09
CA GLU B 121 -15.14 -9.28 -0.59
C GLU B 121 -13.78 -9.62 -1.19
N LEU B 122 -12.93 -10.29 -0.41
CA LEU B 122 -11.63 -10.71 -0.92
C LEU B 122 -11.77 -11.76 -2.02
N THR B 123 -12.82 -12.58 -1.96
CA THR B 123 -13.05 -13.56 -3.03
C THR B 123 -13.41 -12.87 -4.34
N ARG B 124 -14.22 -11.81 -4.27
CA ARG B 124 -14.57 -11.07 -5.48
C ARG B 124 -13.37 -10.32 -6.04
N PHE B 125 -12.52 -9.79 -5.16
CA PHE B 125 -11.32 -9.11 -5.62
C PHE B 125 -10.37 -10.08 -6.33
N PHE B 126 -10.22 -11.29 -5.79
CA PHE B 126 -9.39 -12.29 -6.45
C PHE B 126 -9.99 -12.71 -7.78
N LEU B 127 -11.31 -12.91 -7.83
CA LEU B 127 -11.96 -13.25 -9.09
C LEU B 127 -11.86 -12.12 -10.10
N ARG B 128 -11.79 -10.88 -9.64
CA ARG B 128 -11.65 -9.74 -10.56
C ARG B 128 -10.34 -9.83 -11.33
N GLU B 129 -9.23 -9.96 -10.63
CA GLU B 129 -7.93 -9.98 -11.28
C GLU B 129 -7.66 -11.28 -12.03
N ILE B 130 -8.51 -12.30 -11.86
CA ILE B 130 -8.37 -13.53 -12.62
C ILE B 130 -9.25 -13.52 -13.86
N ARG B 131 -10.49 -13.02 -13.74
CA ARG B 131 -11.42 -12.96 -14.86
C ARG B 131 -11.39 -11.60 -15.56
N HIS B 132 -11.67 -10.52 -14.84
CA HIS B 132 -11.75 -9.20 -15.46
C HIS B 132 -10.37 -8.70 -15.87
N GLY B 133 -9.43 -8.69 -14.93
CA GLY B 133 -8.09 -8.20 -15.20
C GLY B 133 -7.52 -7.39 -14.05
N ILE B 134 -6.24 -7.03 -14.14
CA ILE B 134 -5.55 -6.30 -13.09
C ILE B 134 -5.51 -4.83 -13.44
N GLU B 135 -5.91 -3.98 -12.49
CA GLU B 135 -5.91 -2.52 -12.63
C GLU B 135 -6.79 -2.17 -13.83
N ASP B 136 -6.36 -1.28 -14.72
CA ASP B 136 -7.09 -0.91 -15.92
C ASP B 136 -6.36 -1.39 -17.17
N THR B 137 -5.72 -2.55 -17.06
CA THR B 137 -4.84 -3.08 -18.11
C THR B 137 -5.44 -4.21 -18.92
N GLY B 138 -6.36 -4.98 -18.34
CA GLY B 138 -6.89 -6.13 -19.04
C GLY B 138 -5.98 -7.34 -19.02
N ILE B 139 -4.99 -7.36 -18.15
CA ILE B 139 -4.07 -8.50 -18.02
C ILE B 139 -4.53 -9.34 -16.84
N ARG B 140 -4.65 -10.65 -17.07
CA ARG B 140 -5.23 -11.57 -16.09
C ARG B 140 -4.15 -12.36 -15.38
N ALA B 141 -4.37 -12.61 -14.09
CA ALA B 141 -3.45 -13.39 -13.27
C ALA B 141 -3.77 -14.87 -13.41
N GLY B 142 -2.71 -15.68 -13.36
CA GLY B 142 -2.86 -17.12 -13.55
C GLY B 142 -2.48 -17.95 -12.34
N ILE B 143 -2.42 -17.33 -11.16
CA ILE B 143 -2.04 -18.02 -9.94
C ILE B 143 -2.40 -17.13 -8.75
N ILE B 144 -2.46 -17.72 -7.57
CA ILE B 144 -2.78 -16.98 -6.36
C ILE B 144 -1.68 -17.17 -5.32
N KCX B 145 -1.19 -16.07 -4.77
CA KCX B 145 -0.17 -16.13 -3.73
CB KCX B 145 0.99 -15.19 -4.06
CG KCX B 145 2.21 -15.57 -3.23
CD KCX B 145 2.32 -14.71 -1.98
CE KCX B 145 3.59 -15.08 -1.21
NZ KCX B 145 4.76 -14.53 -1.88
C KCX B 145 -0.79 -15.77 -2.37
O KCX B 145 -1.76 -14.97 -2.31
CX KCX B 145 6.09 -14.97 -1.55
OQ1 KCX B 145 6.27 -15.97 -0.79
OQ2 KCX B 145 7.09 -14.35 -2.00
N VAL B 146 -0.73 -16.72 -1.45
CA VAL B 146 -1.14 -16.48 -0.07
C VAL B 146 0.09 -16.54 0.82
N ALA B 147 -0.03 -16.08 2.06
CA ALA B 147 1.12 -15.98 2.94
C ALA B 147 0.69 -16.08 4.39
N THR B 148 1.31 -17.00 5.13
CA THR B 148 1.22 -17.05 6.58
C THR B 148 2.64 -17.08 7.13
N THR B 149 2.88 -16.30 8.18
CA THR B 149 4.17 -16.26 8.86
C THR B 149 4.00 -16.98 10.19
N GLY B 150 4.41 -18.25 10.21
CA GLY B 150 4.12 -19.08 11.38
C GLY B 150 2.65 -19.48 11.38
N LYS B 151 2.05 -19.45 12.57
CA LYS B 151 0.62 -19.69 12.68
C LYS B 151 -0.16 -18.57 12.00
N ALA B 152 -1.29 -18.93 11.41
CA ALA B 152 -2.07 -17.98 10.61
C ALA B 152 -2.83 -17.01 11.50
N THR B 153 -2.86 -15.75 11.08
CA THR B 153 -3.66 -14.73 11.74
C THR B 153 -5.11 -14.84 11.28
N PRO B 154 -6.06 -14.27 12.04
CA PRO B 154 -7.47 -14.34 11.61
C PRO B 154 -7.70 -13.75 10.23
N PHE B 155 -6.98 -12.70 9.86
CA PHE B 155 -7.10 -12.15 8.52
C PHE B 155 -6.50 -13.09 7.48
N GLN B 156 -5.38 -13.73 7.81
CA GLN B 156 -4.75 -14.65 6.86
C GLN B 156 -5.61 -15.88 6.60
N GLU B 157 -6.40 -16.30 7.59
CA GLU B 157 -7.36 -17.38 7.35
C GLU B 157 -8.38 -16.96 6.29
N LEU B 158 -8.91 -15.75 6.41
CA LEU B 158 -9.87 -15.26 5.43
C LEU B 158 -9.26 -15.18 4.03
N VAL B 159 -7.98 -14.81 3.96
CA VAL B 159 -7.29 -14.76 2.66
C VAL B 159 -7.12 -16.17 2.11
N LEU B 160 -6.62 -17.09 2.94
CA LEU B 160 -6.41 -18.47 2.49
C LEU B 160 -7.72 -19.13 2.07
N ARG B 161 -8.84 -18.74 2.69
CA ARG B 161 -10.13 -19.26 2.27
C ARG B 161 -10.60 -18.60 0.97
N ALA B 162 -10.40 -17.29 0.84
CA ALA B 162 -10.76 -16.60 -0.39
C ALA B 162 -9.93 -17.06 -1.59
N ALA B 163 -8.72 -17.58 -1.35
CA ALA B 163 -7.93 -18.12 -2.44
C ALA B 163 -8.46 -19.47 -2.89
N ALA B 164 -8.87 -20.32 -1.94
CA ALA B 164 -9.38 -21.64 -2.28
C ALA B 164 -10.70 -21.53 -3.04
N ARG B 165 -11.58 -20.62 -2.62
CA ARG B 165 -12.86 -20.49 -3.31
C ARG B 165 -12.69 -19.88 -4.69
N ALA B 166 -11.77 -18.92 -4.84
CA ALA B 166 -11.48 -18.37 -6.16
C ALA B 166 -10.80 -19.39 -7.05
N SER B 167 -9.96 -20.26 -6.47
CA SER B 167 -9.32 -21.31 -7.25
C SER B 167 -10.34 -22.31 -7.77
N LEU B 168 -11.28 -22.73 -6.90
CA LEU B 168 -12.31 -23.67 -7.32
C LEU B 168 -13.17 -23.11 -8.45
N ALA B 169 -13.39 -21.79 -8.46
CA ALA B 169 -14.27 -21.19 -9.46
C ALA B 169 -13.59 -21.04 -10.82
N THR B 170 -12.27 -20.87 -10.84
CA THR B 170 -11.54 -20.62 -12.07
C THR B 170 -10.58 -21.74 -12.45
N GLY B 171 -10.34 -22.71 -11.57
CA GLY B 171 -9.37 -23.75 -11.82
C GLY B 171 -7.92 -23.31 -11.72
N VAL B 172 -7.67 -22.05 -11.39
CA VAL B 172 -6.31 -21.50 -11.33
C VAL B 172 -5.64 -22.01 -10.06
N PRO B 173 -4.32 -22.24 -10.07
CA PRO B 173 -3.65 -22.84 -8.93
C PRO B 173 -3.32 -21.80 -7.85
N VAL B 174 -2.72 -22.29 -6.76
CA VAL B 174 -2.40 -21.47 -5.59
C VAL B 174 -1.00 -21.85 -5.10
N THR B 175 -0.20 -20.84 -4.79
CA THR B 175 1.10 -21.03 -4.16
C THR B 175 1.15 -20.20 -2.88
N THR B 176 2.02 -20.61 -1.96
CA THR B 176 2.01 -20.07 -0.60
C THR B 176 3.38 -19.53 -0.20
N HIS B 177 3.38 -18.78 0.90
CA HIS B 177 4.57 -18.36 1.61
C HIS B 177 4.53 -19.00 3.00
N THR B 178 5.60 -19.70 3.37
CA THR B 178 5.67 -20.36 4.67
C THR B 178 7.01 -20.09 5.33
N SER B 179 6.98 -20.02 6.66
CA SER B 179 8.21 -20.07 7.46
C SER B 179 8.56 -21.54 7.70
N GLY B 180 8.96 -22.20 6.62
CA GLY B 180 9.18 -23.64 6.53
C GLY B 180 9.60 -24.35 7.80
N SER B 181 10.35 -23.66 8.66
CA SER B 181 10.76 -24.26 9.93
C SER B 181 9.55 -24.50 10.84
N GLN B 182 8.62 -23.56 10.89
CA GLN B 182 7.44 -23.71 11.73
C GLN B 182 6.38 -24.61 11.13
N ARG B 183 6.58 -25.10 9.91
CA ARG B 183 5.64 -25.99 9.24
C ARG B 183 4.25 -25.36 9.11
N ASP B 184 4.22 -24.20 8.44
CA ASP B 184 2.95 -23.56 8.14
C ASP B 184 2.10 -24.41 7.21
N GLY B 185 2.76 -25.22 6.36
CA GLY B 185 2.06 -26.09 5.43
C GLY B 185 1.07 -27.04 6.10
N GLU B 186 1.28 -27.37 7.38
CA GLU B 186 0.32 -28.22 8.09
C GLU B 186 -1.00 -27.50 8.26
N GLN B 187 -0.98 -26.28 8.80
CA GLN B 187 -2.22 -25.54 9.00
C GLN B 187 -2.78 -25.05 7.68
N GLN B 188 -1.91 -24.65 6.74
CA GLN B 188 -2.38 -24.17 5.44
C GLN B 188 -3.13 -25.26 4.69
N ALA B 189 -2.58 -26.47 4.68
CA ALA B 189 -3.24 -27.57 3.98
C ALA B 189 -4.57 -27.93 4.61
N ALA B 190 -4.72 -27.72 5.92
CA ALA B 190 -5.96 -28.08 6.60
C ALA B 190 -7.10 -27.14 6.20
N ILE B 191 -6.80 -25.86 6.01
CA ILE B 191 -7.83 -24.91 5.63
C ILE B 191 -8.16 -25.02 4.15
N PHE B 192 -7.15 -25.30 3.32
CA PHE B 192 -7.41 -25.52 1.90
C PHE B 192 -8.33 -26.71 1.68
N GLU B 193 -8.18 -27.75 2.49
CA GLU B 193 -9.05 -28.93 2.37
C GLU B 193 -10.43 -28.69 2.96
N SER B 194 -10.53 -27.91 4.04
CA SER B 194 -11.83 -27.59 4.59
C SER B 194 -12.67 -26.75 3.64
N GLU B 195 -12.03 -26.07 2.69
CA GLU B 195 -12.73 -25.35 1.63
C GLU B 195 -12.93 -26.20 0.38
N GLY B 196 -12.54 -27.46 0.42
CA GLY B 196 -12.76 -28.36 -0.70
C GLY B 196 -11.81 -28.18 -1.86
N LEU B 197 -10.56 -27.79 -1.60
CA LEU B 197 -9.58 -27.54 -2.65
C LEU B 197 -8.69 -28.76 -2.79
N SER B 198 -8.60 -29.29 -4.00
CA SER B 198 -7.78 -30.46 -4.26
C SER B 198 -6.31 -30.14 -4.01
N PRO B 199 -5.57 -30.97 -3.27
CA PRO B 199 -4.16 -30.66 -2.96
C PRO B 199 -3.29 -30.50 -4.19
N SER B 200 -3.69 -31.05 -5.34
CA SER B 200 -2.92 -30.89 -6.57
C SER B 200 -3.01 -29.49 -7.15
N ARG B 201 -3.83 -28.61 -6.57
CA ARG B 201 -3.94 -27.23 -6.99
C ARG B 201 -3.17 -26.29 -6.08
N VAL B 202 -2.45 -26.80 -5.09
CA VAL B 202 -1.77 -25.98 -4.09
C VAL B 202 -0.31 -26.38 -4.04
N CYS B 203 0.56 -25.38 -3.89
CA CYS B 203 2.00 -25.60 -3.71
C CYS B 203 2.44 -24.87 -2.45
N ILE B 204 2.94 -25.62 -1.47
CA ILE B 204 3.48 -25.01 -0.25
C ILE B 204 4.90 -24.53 -0.56
N GLY B 205 5.09 -23.21 -0.54
CA GLY B 205 6.36 -22.64 -0.90
C GLY B 205 7.32 -22.52 0.28
N HIS B 206 8.57 -22.20 -0.05
CA HIS B 206 9.65 -22.05 0.94
C HIS B 206 9.82 -23.30 1.78
N SER B 207 9.57 -24.46 1.18
CA SER B 207 9.70 -25.74 1.89
C SER B 207 11.15 -26.15 2.09
N ASP B 208 12.09 -25.52 1.37
CA ASP B 208 13.51 -25.83 1.52
C ASP B 208 14.18 -25.01 2.62
N ASP B 209 13.41 -24.27 3.41
CA ASP B 209 13.94 -23.61 4.59
C ASP B 209 13.94 -24.53 5.82
N THR B 210 13.59 -25.79 5.65
CA THR B 210 13.59 -26.77 6.73
C THR B 210 14.17 -28.08 6.22
N ASP B 211 14.72 -28.87 7.15
CA ASP B 211 15.21 -30.20 6.84
C ASP B 211 14.21 -31.29 7.18
N ASP B 212 13.05 -30.92 7.72
CA ASP B 212 12.05 -31.89 8.15
C ASP B 212 11.51 -32.69 6.97
N LEU B 213 12.19 -33.79 6.63
CA LEU B 213 11.73 -34.66 5.55
C LEU B 213 10.44 -35.38 5.91
N ARG B 214 10.13 -35.53 7.19
CA ARG B 214 8.84 -36.07 7.57
C ARG B 214 7.72 -35.06 7.26
N TYR B 215 8.02 -33.77 7.39
CA TYR B 215 7.05 -32.73 7.05
C TYR B 215 6.92 -32.59 5.54
N LEU B 216 8.02 -32.75 4.80
CA LEU B 216 7.99 -32.56 3.36
C LEU B 216 7.32 -33.73 2.65
N THR B 217 7.75 -34.96 2.95
CA THR B 217 7.14 -36.13 2.33
C THR B 217 5.67 -36.25 2.71
N GLY B 218 5.29 -35.73 3.87
CA GLY B 218 3.87 -35.76 4.25
C GLY B 218 3.01 -34.97 3.30
N LEU B 219 3.45 -33.76 2.95
CA LEU B 219 2.68 -32.94 2.02
C LEU B 219 2.68 -33.55 0.61
N ALA B 220 3.80 -34.14 0.20
CA ALA B 220 3.87 -34.76 -1.12
C ALA B 220 2.97 -35.99 -1.20
N ALA B 221 2.87 -36.74 -0.11
CA ALA B 221 2.00 -37.92 -0.10
C ALA B 221 0.54 -37.53 -0.17
N ARG B 222 0.16 -36.42 0.47
CA ARG B 222 -1.22 -35.96 0.44
C ARG B 222 -1.62 -35.36 -0.90
N GLY B 223 -0.66 -35.12 -1.80
CA GLY B 223 -0.95 -34.62 -3.12
C GLY B 223 -0.59 -33.17 -3.38
N TYR B 224 0.08 -32.52 -2.44
CA TYR B 224 0.47 -31.12 -2.61
C TYR B 224 1.79 -31.02 -3.37
N LEU B 225 1.94 -29.94 -4.11
CA LEU B 225 3.21 -29.61 -4.72
C LEU B 225 4.13 -28.98 -3.68
N VAL B 226 5.39 -29.37 -3.69
CA VAL B 226 6.36 -28.92 -2.70
C VAL B 226 7.22 -27.82 -3.33
N GLY B 227 7.14 -26.62 -2.78
CA GLY B 227 7.89 -25.49 -3.30
C GLY B 227 9.28 -25.36 -2.72
N LEU B 228 10.27 -25.94 -3.41
CA LEU B 228 11.68 -25.77 -3.06
C LEU B 228 12.25 -24.61 -3.86
N ASP B 229 11.86 -23.39 -3.45
CA ASP B 229 11.91 -22.22 -4.32
C ASP B 229 12.85 -21.14 -3.83
N ARG B 230 13.76 -21.43 -2.91
CA ARG B 230 14.74 -20.46 -2.44
C ARG B 230 16.16 -20.98 -2.61
N MET B 231 16.42 -21.60 -3.77
CA MET B 231 17.68 -22.29 -4.00
C MET B 231 18.92 -21.41 -3.82
N PRO B 232 19.02 -20.24 -4.47
CA PRO B 232 20.29 -19.49 -4.41
C PRO B 232 20.57 -18.85 -3.05
N TYR B 233 19.64 -18.94 -2.09
CA TYR B 233 19.82 -18.32 -0.78
C TYR B 233 20.76 -19.17 0.07
N SER B 234 22.02 -19.21 -0.35
CA SER B 234 23.07 -19.92 0.36
C SER B 234 23.74 -18.95 1.33
N ALA B 235 23.68 -19.27 2.62
CA ALA B 235 24.22 -18.40 3.64
C ALA B 235 25.75 -18.45 3.61
N ILE B 236 26.37 -17.30 3.41
CA ILE B 236 27.82 -17.15 3.41
C ILE B 236 28.22 -16.46 4.70
N GLY B 237 29.33 -16.90 5.29
CA GLY B 237 29.90 -16.22 6.44
C GLY B 237 30.42 -14.84 6.08
N LEU B 238 29.56 -14.01 5.49
CA LEU B 238 29.91 -12.70 4.98
C LEU B 238 30.19 -11.69 6.09
N ARG B 239 30.13 -12.11 7.36
CA ARG B 239 30.24 -11.26 8.54
C ARG B 239 29.00 -10.39 8.72
N GLY B 240 28.30 -10.08 7.63
CA GLY B 240 27.12 -9.25 7.73
C GLY B 240 26.64 -8.79 6.37
N ASN B 241 25.73 -7.82 6.39
CA ASN B 241 25.22 -7.27 7.64
C ASN B 241 24.19 -8.21 8.27
N ALA B 242 23.76 -7.89 9.49
CA ALA B 242 22.81 -8.74 10.19
C ALA B 242 21.55 -8.97 9.37
N SER B 243 21.16 -7.98 8.55
CA SER B 243 20.02 -8.15 7.66
C SER B 243 20.30 -9.17 6.56
N ALA B 244 21.56 -9.30 6.14
CA ALA B 244 21.89 -10.26 5.10
C ALA B 244 21.82 -11.69 5.63
N LEU B 245 22.38 -11.93 6.82
CA LEU B 245 22.30 -13.26 7.41
C LEU B 245 20.86 -13.64 7.77
N ALA B 246 19.98 -12.66 7.96
CA ALA B 246 18.59 -12.94 8.30
C ALA B 246 17.76 -13.30 7.08
N LEU B 247 18.18 -12.88 5.89
CA LEU B 247 17.45 -13.19 4.66
C LEU B 247 17.98 -14.44 3.97
N PHE B 248 19.29 -14.64 4.00
CA PHE B 248 19.90 -15.81 3.37
C PHE B 248 19.86 -17.05 4.26
N GLY B 249 19.47 -16.92 5.53
CA GLY B 249 19.36 -18.07 6.40
C GLY B 249 20.71 -18.54 6.93
N THR B 250 20.81 -19.84 7.16
CA THR B 250 22.03 -20.46 7.65
C THR B 250 22.55 -21.61 6.80
N ARG B 251 21.71 -22.19 5.94
CA ARG B 251 22.04 -23.41 5.21
C ARG B 251 22.52 -23.08 3.80
N SER B 252 23.22 -24.05 3.21
CA SER B 252 23.83 -23.89 1.89
C SER B 252 22.86 -24.32 0.80
N TRP B 253 23.19 -23.93 -0.43
CA TRP B 253 22.34 -24.29 -1.57
C TRP B 253 22.44 -25.77 -1.90
N GLN B 254 23.57 -26.41 -1.58
CA GLN B 254 23.67 -27.85 -1.73
C GLN B 254 22.65 -28.55 -0.83
N THR B 255 22.51 -28.08 0.41
CA THR B 255 21.53 -28.65 1.32
C THR B 255 20.11 -28.45 0.79
N ARG B 256 19.83 -27.27 0.24
CA ARG B 256 18.53 -27.04 -0.37
C ARG B 256 18.31 -27.93 -1.59
N ALA B 257 19.35 -28.08 -2.42
CA ALA B 257 19.22 -28.90 -3.62
C ALA B 257 19.13 -30.38 -3.29
N LEU B 258 19.76 -30.82 -2.20
CA LEU B 258 19.64 -32.22 -1.80
C LEU B 258 18.23 -32.59 -1.40
N LEU B 259 17.40 -31.61 -1.01
CA LEU B 259 16.00 -31.90 -0.73
C LEU B 259 15.26 -32.31 -1.99
N ILE B 260 15.73 -31.88 -3.15
CA ILE B 260 15.15 -32.36 -4.40
C ILE B 260 15.50 -33.83 -4.61
N LYS B 261 16.76 -34.19 -4.33
CA LYS B 261 17.17 -35.59 -4.48
C LYS B 261 16.43 -36.49 -3.51
N ALA B 262 16.14 -35.99 -2.30
CA ALA B 262 15.45 -36.80 -1.31
C ALA B 262 14.00 -37.08 -1.72
N LEU B 263 13.32 -36.06 -2.24
CA LEU B 263 11.94 -36.26 -2.67
C LEU B 263 11.85 -37.11 -3.92
N ILE B 264 12.82 -37.01 -4.83
CA ILE B 264 12.87 -37.90 -5.99
C ILE B 264 13.11 -39.34 -5.52
N ASP B 265 14.10 -39.52 -4.65
CA ASP B 265 14.41 -40.81 -4.04
C ASP B 265 13.39 -41.20 -2.97
N ARG B 266 12.22 -40.57 -2.95
CA ARG B 266 11.08 -41.00 -2.14
C ARG B 266 9.87 -41.39 -2.97
N GLY B 267 9.87 -41.09 -4.26
CA GLY B 267 8.76 -41.41 -5.14
C GLY B 267 7.89 -40.24 -5.53
N TYR B 268 8.29 -39.01 -5.20
CA TYR B 268 7.43 -37.86 -5.47
C TYR B 268 8.12 -36.86 -6.37
N LYS B 269 8.64 -37.33 -7.51
CA LYS B 269 9.16 -36.39 -8.51
C LYS B 269 8.05 -35.61 -9.18
N ASP B 270 6.83 -36.16 -9.19
CA ASP B 270 5.67 -35.45 -9.73
C ASP B 270 5.23 -34.29 -8.83
N ARG B 271 5.80 -34.16 -7.64
CA ARG B 271 5.30 -33.22 -6.63
C ARG B 271 6.29 -32.12 -6.31
N ILE B 272 7.29 -31.89 -7.15
CA ILE B 272 8.36 -30.94 -6.86
C ILE B 272 8.27 -29.76 -7.81
N LEU B 273 8.49 -28.56 -7.28
CA LEU B 273 8.62 -27.34 -8.06
C LEU B 273 9.83 -26.56 -7.55
N VAL B 274 10.74 -26.23 -8.46
CA VAL B 274 12.00 -25.57 -8.12
C VAL B 274 11.98 -24.14 -8.63
N SER B 275 12.50 -23.21 -7.84
CA SER B 275 12.55 -21.80 -8.22
C SER B 275 13.65 -21.12 -7.42
N HIS B 276 13.81 -19.81 -7.64
CA HIS B 276 14.85 -19.02 -6.99
C HIS B 276 14.34 -18.10 -5.89
N ASP B 277 13.09 -17.62 -6.01
CA ASP B 277 12.58 -16.53 -5.18
C ASP B 277 13.49 -15.32 -5.29
N TRP B 278 13.99 -15.07 -6.50
CA TRP B 278 14.91 -13.97 -6.76
C TRP B 278 14.16 -12.74 -7.23
N LEU B 279 14.88 -11.62 -7.29
CA LEU B 279 14.31 -10.36 -7.76
C LEU B 279 15.43 -9.43 -8.19
N PHE B 280 15.04 -8.37 -8.89
CA PHE B 280 15.98 -7.36 -9.36
C PHE B 280 15.79 -6.01 -8.65
N GLY B 281 14.78 -5.89 -7.80
CA GLY B 281 14.55 -4.67 -7.05
C GLY B 281 13.93 -4.96 -5.69
N PHE B 282 14.53 -4.44 -4.63
CA PHE B 282 14.10 -4.74 -3.26
C PHE B 282 13.96 -3.44 -2.50
N SER B 283 12.72 -3.06 -2.19
CA SER B 283 12.45 -1.88 -1.36
C SER B 283 11.77 -2.21 -0.04
N SER B 284 11.22 -3.42 0.11
CA SER B 284 10.51 -3.81 1.31
C SER B 284 11.44 -4.34 2.41
N TYR B 285 12.75 -4.25 2.22
CA TYR B 285 13.71 -4.60 3.25
C TYR B 285 14.63 -3.42 3.51
N VAL B 286 15.86 -3.67 3.96
CA VAL B 286 16.81 -2.59 4.14
C VAL B 286 17.33 -2.14 2.78
N THR B 287 17.92 -0.93 2.77
CA THR B 287 18.50 -0.41 1.55
C THR B 287 19.76 -1.18 1.17
N ASN B 288 20.04 -1.24 -0.13
CA ASN B 288 21.24 -1.87 -0.68
C ASN B 288 21.32 -3.36 -0.37
N ILE B 289 20.18 -3.98 -0.07
CA ILE B 289 20.16 -5.44 0.05
C ILE B 289 20.24 -6.07 -1.35
N MET B 290 19.78 -5.35 -2.38
CA MET B 290 19.84 -5.86 -3.74
C MET B 290 21.28 -5.96 -4.23
N ARG B 291 22.16 -5.06 -3.78
CA ARG B 291 23.56 -5.13 -4.17
C ARG B 291 24.25 -6.32 -3.51
N VAL B 292 23.91 -6.62 -2.26
CA VAL B 292 24.49 -7.76 -1.56
C VAL B 292 24.06 -9.06 -2.21
N MET B 293 22.81 -9.12 -2.69
CA MET B 293 22.29 -10.35 -3.29
C MET B 293 22.95 -10.62 -4.64
N ASP B 294 22.99 -9.62 -5.51
CA ASP B 294 23.66 -9.79 -6.80
C ASP B 294 25.15 -10.06 -6.64
N ARG B 295 25.74 -9.66 -5.50
CA ARG B 295 27.12 -10.02 -5.22
C ARG B 295 27.25 -11.51 -4.94
N ILE B 296 26.27 -12.10 -4.26
CA ILE B 296 26.33 -13.51 -3.89
C ILE B 296 25.90 -14.40 -5.04
N ASN B 297 24.82 -14.04 -5.73
CA ASN B 297 24.29 -14.81 -6.86
C ASN B 297 24.35 -13.92 -8.10
N PRO B 298 25.51 -13.82 -8.75
CA PRO B 298 25.61 -13.00 -9.96
C PRO B 298 24.80 -13.55 -11.12
N ASP B 299 24.52 -14.85 -11.15
CA ASP B 299 23.76 -15.45 -12.23
C ASP B 299 22.25 -15.19 -12.11
N GLY B 300 21.80 -14.64 -11.00
CA GLY B 300 20.39 -14.29 -10.87
C GLY B 300 19.50 -15.52 -10.92
N MET B 301 18.56 -15.51 -11.86
CA MET B 301 17.64 -16.61 -12.05
C MET B 301 18.15 -17.66 -13.02
N ALA B 302 19.43 -17.59 -13.40
CA ALA B 302 20.10 -18.67 -14.10
C ALA B 302 20.89 -19.56 -13.15
N PHE B 303 20.74 -19.35 -11.83
CA PHE B 303 21.50 -20.11 -10.86
C PHE B 303 21.13 -21.59 -10.89
N VAL B 304 19.84 -21.89 -10.94
CA VAL B 304 19.36 -23.27 -10.93
C VAL B 304 19.81 -24.01 -12.19
N PRO B 305 19.53 -23.52 -13.41
CA PRO B 305 19.95 -24.28 -14.60
C PRO B 305 21.46 -24.38 -14.77
N LEU B 306 22.23 -23.47 -14.17
CA LEU B 306 23.68 -23.49 -14.33
C LEU B 306 24.39 -24.22 -13.19
N ARG B 307 23.84 -24.18 -11.99
CA ARG B 307 24.50 -24.77 -10.82
C ARG B 307 23.73 -25.92 -10.20
N VAL B 308 22.41 -25.79 -10.04
CA VAL B 308 21.65 -26.80 -9.33
C VAL B 308 21.50 -28.06 -10.18
N ILE B 309 21.17 -27.89 -11.46
CA ILE B 309 20.94 -29.03 -12.35
C ILE B 309 22.24 -29.81 -12.57
N PRO B 310 23.37 -29.17 -12.87
CA PRO B 310 24.62 -29.96 -12.97
C PRO B 310 25.01 -30.62 -11.66
N PHE B 311 24.65 -30.03 -10.51
CA PHE B 311 24.93 -30.66 -9.23
C PHE B 311 24.11 -31.93 -9.06
N LEU B 312 22.83 -31.90 -9.43
CA LEU B 312 21.98 -33.06 -9.24
C LEU B 312 22.28 -34.15 -10.26
N ARG B 313 22.62 -33.76 -11.50
CA ARG B 313 23.04 -34.75 -12.49
C ARG B 313 24.36 -35.40 -12.11
N GLU B 314 25.24 -34.65 -11.44
CA GLU B 314 26.46 -35.24 -10.90
C GLU B 314 26.13 -36.18 -9.74
N LYS B 315 25.09 -35.88 -8.97
CA LYS B 315 24.63 -36.77 -7.92
C LYS B 315 23.82 -37.96 -8.44
N GLY B 316 23.59 -38.03 -9.75
CA GLY B 316 23.04 -39.21 -10.38
C GLY B 316 21.61 -39.14 -10.85
N VAL B 317 20.96 -37.99 -10.75
CA VAL B 317 19.56 -37.90 -11.20
C VAL B 317 19.53 -37.92 -12.73
N PRO B 318 18.67 -38.73 -13.34
CA PRO B 318 18.59 -38.77 -14.81
C PRO B 318 18.05 -37.46 -15.35
N PRO B 319 18.53 -37.01 -16.52
CA PRO B 319 18.00 -35.79 -17.12
C PRO B 319 16.52 -35.87 -17.46
N GLU B 320 15.96 -37.07 -17.62
CA GLU B 320 14.54 -37.20 -17.88
C GLU B 320 13.72 -36.89 -16.64
N THR B 321 14.22 -37.31 -15.46
CA THR B 321 13.57 -36.93 -14.22
C THR B 321 13.66 -35.42 -13.99
N LEU B 322 14.77 -34.81 -14.41
CA LEU B 322 14.93 -33.37 -14.26
C LEU B 322 14.04 -32.58 -15.23
N ALA B 323 13.84 -33.12 -16.43
CA ALA B 323 12.99 -32.44 -17.40
C ALA B 323 11.53 -32.44 -16.97
N GLY B 324 11.08 -33.51 -16.30
CA GLY B 324 9.70 -33.55 -15.85
C GLY B 324 9.43 -32.60 -14.69
N VAL B 325 10.44 -32.36 -13.85
CA VAL B 325 10.24 -31.47 -12.70
C VAL B 325 10.23 -30.02 -13.14
N THR B 326 11.11 -29.65 -14.07
CA THR B 326 11.23 -28.26 -14.50
C THR B 326 10.27 -27.89 -15.62
N VAL B 327 9.64 -28.86 -16.27
CA VAL B 327 8.77 -28.56 -17.41
C VAL B 327 7.40 -29.18 -17.19
N ALA B 328 7.34 -30.49 -16.98
CA ALA B 328 6.06 -31.18 -16.88
C ALA B 328 5.34 -30.83 -15.58
N ASN B 329 6.09 -30.68 -14.48
CA ASN B 329 5.44 -30.35 -13.20
C ASN B 329 4.79 -28.97 -13.22
N PRO B 330 5.47 -27.89 -13.65
CA PRO B 330 4.77 -26.60 -13.68
C PRO B 330 3.65 -26.55 -14.71
N ALA B 331 3.84 -27.20 -15.86
CA ALA B 331 2.78 -27.25 -16.87
C ALA B 331 1.53 -27.91 -16.32
N ARG B 332 1.70 -29.05 -15.64
CA ARG B 332 0.58 -29.71 -14.99
C ARG B 332 -0.02 -28.85 -13.88
N PHE B 333 0.80 -28.01 -13.25
CA PHE B 333 0.36 -27.20 -12.12
C PHE B 333 -0.45 -25.99 -12.57
N LEU B 334 -0.17 -25.46 -13.75
CA LEU B 334 -0.83 -24.24 -14.21
C LEU B 334 -2.08 -24.50 -15.05
N SER B 335 -2.16 -25.67 -15.70
CA SER B 335 -3.32 -25.99 -16.53
C SER B 335 -4.58 -26.07 -15.65
N PRO B 336 -5.55 -25.19 -15.84
CA PRO B 336 -6.73 -25.20 -14.98
C PRO B 336 -7.61 -26.43 -15.22
N THR B 337 -8.44 -26.72 -14.23
CA THR B 337 -9.35 -27.86 -14.30
C THR B 337 -10.48 -27.61 -15.28
ZN ZN C . -8.43 13.27 7.63
ZN ZN D . -7.15 12.27 10.35
ZN ZN E . 8.80 -14.78 -3.14
ZN ZN F . 7.95 -15.65 0.38
#